data_1ZVU
#
_entry.id   1ZVU
#
_cell.length_a   257.990
_cell.length_b   62.141
_cell.length_c   63.998
_cell.angle_alpha   90.00
_cell.angle_beta   90.00
_cell.angle_gamma   90.00
#
_symmetry.space_group_name_H-M   'P 21 21 2'
#
loop_
_entity.id
_entity.type
_entity.pdbx_description
1 polymer 'Topoisomerase IV subunit A'
2 water water
#
_entity_poly.entity_id   1
_entity_poly.type   'polypeptide(L)'
_entity_poly.pdbx_seq_one_letter_code
;MDRALPFIGDGLKPVQRRIVYAMSELGLNASAKFKKSARTVGDVLGKYHPHGDSACYEAMVLMAQPFSYRYPLVDGQGNW
GAPDDPKSFAAMRYTESRLSKYSELLLSELGQGTADWVPNFDGTLQEPKMLPARLPNILLNGTTGIAVGMATDIPPHNLR
EVAQAAIALIDQPKTTLDQLLDIVQGPDYPTEAEIITSRAEIRKIYENGRGSVRMRAVWKKEDGAVVISALPHQVSGARV
LEQIAAQMRNKKLPMVDDLRDESDHENPTRLVIVPRSNRVDMDQVMNHLFATTDLEKSYRINLNMIGLDGRPAVKNLLEI
LSEWLVFRRDTVRRRLNYRLEKVLKRLHILEGLLVAFLNIDEVIEIIRNEDEPKPALMSRFGLTETQAEAILELKLRHLA
KLEEMKIRGEQSELEKERDQLQGILASERKMNNLLKKELQADAQAYGDDRRSPLQEREEAKAMSEHDMLPSEPVTIVLSQ
MGWVRSAKGHDIDAPGLNYKAGDSFKAAVKGKSNQPVVFVDSTGRSYAIDPITLPSARGQGEPLTGKLTLPPGATVDHML
MESDDQKLLMASDAGYGFVCTFNDLVARNRAGKALITLPENAHVMPPVVIEDASDMLLAITQAGRMLMFPVSDLPQLSKG
KGNKIINIPSAEAARGEDGLAQLYVLPPQSTLTIHVGKRKIKLRPEELQKVTGERGRRGTLMRGLQRIDRVEIDSP
;
_entity_poly.pdbx_strand_id   A
#
# COMPACT_ATOMS: atom_id res chain seq x y z
N ASP A 2 2.27 -27.11 7.07
CA ASP A 2 3.53 -26.80 6.34
C ASP A 2 3.29 -26.27 4.92
N ARG A 3 2.60 -27.05 4.09
CA ARG A 3 2.38 -26.70 2.69
C ARG A 3 0.90 -26.66 2.33
N ALA A 4 0.05 -26.90 3.32
CA ALA A 4 -1.39 -26.91 3.12
C ALA A 4 -1.96 -25.50 3.02
N LEU A 5 -3.00 -25.36 2.20
CA LEU A 5 -3.68 -24.08 2.02
C LEU A 5 -4.80 -23.96 3.04
N PRO A 6 -5.25 -22.72 3.32
CA PRO A 6 -6.34 -22.59 4.30
C PRO A 6 -7.72 -22.87 3.67
N PHE A 7 -8.74 -23.04 4.50
CA PHE A 7 -10.10 -23.21 4.00
C PHE A 7 -10.76 -21.86 3.85
N ILE A 8 -11.58 -21.70 2.81
CA ILE A 8 -12.28 -20.43 2.59
C ILE A 8 -13.32 -20.16 3.67
N GLY A 9 -13.93 -21.22 4.20
CA GLY A 9 -14.98 -21.06 5.20
C GLY A 9 -14.49 -20.36 6.45
N ASP A 10 -13.45 -20.91 7.08
CA ASP A 10 -12.95 -20.38 8.34
C ASP A 10 -11.51 -19.85 8.26
N GLY A 11 -10.89 -20.01 7.11
CA GLY A 11 -9.54 -19.49 6.88
C GLY A 11 -8.46 -20.18 7.70
N LEU A 12 -8.64 -21.47 7.96
CA LEU A 12 -7.70 -22.23 8.77
C LEU A 12 -7.11 -23.42 8.03
N LYS A 13 -5.83 -23.69 8.28
CA LYS A 13 -5.22 -24.93 7.84
C LYS A 13 -5.61 -26.01 8.86
N PRO A 14 -5.59 -27.30 8.45
CA PRO A 14 -5.93 -28.40 9.38
C PRO A 14 -5.28 -28.32 10.76
N VAL A 15 -4.04 -27.85 10.82
CA VAL A 15 -3.33 -27.71 12.10
C VAL A 15 -3.97 -26.66 13.02
N GLN A 16 -4.21 -25.47 12.48
CA GLN A 16 -4.79 -24.38 13.25
C GLN A 16 -6.15 -24.78 13.79
N ARG A 17 -6.96 -25.39 12.93
CA ARG A 17 -8.32 -25.83 13.29
C ARG A 17 -8.26 -26.76 14.50
N ARG A 18 -7.36 -27.73 14.44
CA ARG A 18 -7.14 -28.64 15.56
C ARG A 18 -6.72 -27.90 16.84
N ILE A 19 -5.76 -26.98 16.74
CA ILE A 19 -5.34 -26.22 17.92
C ILE A 19 -6.50 -25.45 18.54
N VAL A 20 -7.31 -24.82 17.71
CA VAL A 20 -8.46 -24.07 18.20
C VAL A 20 -9.53 -24.99 18.81
N TYR A 21 -9.85 -26.07 18.11
CA TYR A 21 -10.88 -26.98 18.57
C TYR A 21 -10.45 -27.64 19.88
N ALA A 22 -9.21 -28.08 19.94
CA ALA A 22 -8.66 -28.70 21.16
C ALA A 22 -8.87 -27.86 22.41
N MET A 23 -8.86 -26.54 22.26
CA MET A 23 -8.98 -25.63 23.39
C MET A 23 -10.41 -25.16 23.64
N SER A 24 -11.31 -25.47 22.71
CA SER A 24 -12.72 -25.10 22.84
C SER A 24 -13.41 -25.79 24.03
N GLU A 25 -14.59 -25.29 24.42
CA GLU A 25 -15.43 -25.99 25.40
C GLU A 25 -15.52 -27.47 25.07
N LEU A 26 -15.65 -27.80 23.79
CA LEU A 26 -15.71 -29.20 23.35
C LEU A 26 -14.31 -29.85 23.22
N GLY A 27 -13.43 -29.50 24.15
CA GLY A 27 -12.25 -30.30 24.48
C GLY A 27 -12.54 -30.90 25.85
N LEU A 28 -13.76 -31.41 26.01
CA LEU A 28 -14.25 -31.98 27.27
C LEU A 28 -14.86 -33.36 27.09
N ARG A 39 -5.25 -30.50 31.23
CA ARG A 39 -4.58 -30.73 32.52
C ARG A 39 -3.10 -30.30 32.54
N THR A 40 -2.48 -30.25 31.35
CA THR A 40 -1.28 -29.45 31.05
C THR A 40 -1.57 -28.85 29.66
N VAL A 41 -0.58 -28.32 28.95
CA VAL A 41 -0.83 -27.87 27.56
C VAL A 41 -0.69 -29.02 26.57
N GLY A 42 0.35 -29.83 26.75
CA GLY A 42 0.54 -31.05 25.97
C GLY A 42 -0.67 -31.96 26.08
N ASP A 43 -1.23 -32.06 27.28
CA ASP A 43 -2.44 -32.84 27.55
C ASP A 43 -3.59 -32.38 26.65
N VAL A 44 -3.73 -31.07 26.50
CA VAL A 44 -4.83 -30.48 25.75
C VAL A 44 -4.61 -30.67 24.25
N LEU A 45 -3.46 -30.23 23.74
CA LEU A 45 -3.16 -30.37 22.32
C LEU A 45 -2.92 -31.82 21.90
N GLY A 46 -2.37 -32.62 22.80
CA GLY A 46 -2.04 -34.02 22.53
C GLY A 46 -3.28 -34.87 22.31
N LYS A 47 -4.43 -34.28 22.60
CA LYS A 47 -5.72 -34.95 22.52
C LYS A 47 -6.16 -35.03 21.07
N TYR A 48 -5.72 -34.08 20.25
CA TYR A 48 -6.07 -34.02 18.82
C TYR A 48 -4.84 -33.89 17.93
N HIS A 49 -3.66 -33.94 18.55
CA HIS A 49 -2.40 -33.86 17.82
C HIS A 49 -1.47 -34.99 18.22
N PRO A 50 -0.72 -35.52 17.25
CA PRO A 50 0.33 -36.49 17.58
C PRO A 50 1.33 -35.90 18.55
N HIS A 51 1.85 -36.73 19.45
CA HIS A 51 2.82 -36.31 20.46
C HIS A 51 4.10 -35.76 19.83
N GLY A 52 4.55 -34.61 20.34
CA GLY A 52 5.76 -33.95 19.86
C GLY A 52 5.76 -33.54 18.40
N ASP A 53 4.59 -33.54 17.78
CA ASP A 53 4.45 -33.19 16.36
C ASP A 53 5.03 -31.81 16.05
N SER A 54 5.79 -31.72 14.97
CA SER A 54 6.56 -30.51 14.67
C SER A 54 5.70 -29.37 14.16
N ALA A 55 4.83 -29.65 13.19
CA ALA A 55 4.00 -28.62 12.58
C ALA A 55 3.04 -28.00 13.60
N CYS A 56 2.49 -28.84 14.48
CA CYS A 56 1.65 -28.38 15.59
C CYS A 56 2.44 -27.45 16.49
N TYR A 57 3.68 -27.82 16.78
CA TYR A 57 4.53 -27.01 17.66
C TYR A 57 4.72 -25.60 17.10
N GLU A 58 5.19 -25.51 15.86
CA GLU A 58 5.39 -24.21 15.24
C GLU A 58 4.10 -23.39 15.18
N ALA A 59 3.01 -24.03 14.75
CA ALA A 59 1.71 -23.38 14.61
C ALA A 59 1.18 -22.90 15.95
N MET A 60 1.49 -23.64 17.01
CA MET A 60 1.08 -23.26 18.36
C MET A 60 1.88 -22.05 18.88
N VAL A 61 3.21 -22.12 18.76
CA VAL A 61 4.09 -21.03 19.17
C VAL A 61 3.68 -19.72 18.52
N LEU A 62 3.50 -19.77 17.20
CA LEU A 62 3.10 -18.64 16.38
C LEU A 62 1.86 -17.94 16.94
N MET A 63 0.84 -18.73 17.26
CA MET A 63 -0.43 -18.22 17.76
C MET A 63 -0.33 -17.50 19.11
N ALA A 64 0.72 -17.81 19.86
CA ALA A 64 0.89 -17.27 21.21
C ALA A 64 1.59 -15.91 21.27
N GLN A 65 2.09 -15.44 20.13
CA GLN A 65 2.81 -14.16 20.07
C GLN A 65 2.01 -13.05 19.40
N PRO A 66 2.15 -11.79 19.90
CA PRO A 66 1.48 -10.67 19.23
C PRO A 66 2.27 -10.30 17.97
N PHE A 67 1.69 -9.46 17.11
CA PHE A 67 2.31 -9.09 15.82
C PHE A 67 2.47 -10.29 14.86
N SER A 68 1.85 -11.43 15.21
CA SER A 68 1.80 -12.59 14.34
C SER A 68 0.46 -12.61 13.62
N TYR A 69 -0.61 -12.37 14.36
CA TYR A 69 -1.96 -12.35 13.82
C TYR A 69 -2.57 -10.97 14.02
N ARG A 70 -3.40 -10.56 13.08
CA ARG A 70 -4.09 -9.27 13.16
C ARG A 70 -5.23 -9.38 14.17
N TYR A 71 -5.81 -10.57 14.28
CA TYR A 71 -6.81 -10.87 15.28
C TYR A 71 -6.49 -12.21 15.90
N PRO A 72 -5.59 -12.21 16.92
CA PRO A 72 -5.15 -13.44 17.56
C PRO A 72 -6.29 -14.31 18.06
N LEU A 73 -6.11 -15.61 17.89
CA LEU A 73 -7.07 -16.63 18.28
C LEU A 73 -6.78 -17.11 19.69
N VAL A 74 -5.65 -16.67 20.24
CA VAL A 74 -5.21 -17.07 21.56
C VAL A 74 -4.51 -15.90 22.25
N ASP A 75 -4.74 -15.76 23.55
CA ASP A 75 -3.93 -14.86 24.35
C ASP A 75 -2.77 -15.65 24.90
N GLY A 76 -1.56 -15.33 24.43
CA GLY A 76 -0.35 -16.00 24.87
C GLY A 76 0.25 -15.32 26.09
N GLN A 77 0.82 -16.13 26.98
CA GLN A 77 1.38 -15.63 28.23
C GLN A 77 2.63 -16.43 28.61
N GLY A 78 3.81 -15.85 28.36
CA GLY A 78 5.08 -16.51 28.66
C GLY A 78 6.05 -16.52 27.49
N ASN A 79 7.15 -17.25 27.63
CA ASN A 79 8.18 -17.32 26.58
C ASN A 79 7.92 -18.32 25.46
N TRP A 80 7.32 -19.46 25.82
CA TRP A 80 6.89 -20.46 24.83
C TRP A 80 8.00 -21.04 23.92
N GLY A 81 9.25 -20.85 24.31
CA GLY A 81 10.39 -21.45 23.60
C GLY A 81 11.15 -20.43 22.78
N ALA A 82 12.41 -20.21 23.17
CA ALA A 82 13.25 -19.13 22.63
C ALA A 82 12.89 -18.65 21.21
N PRO A 83 13.30 -19.39 20.14
CA PRO A 83 12.77 -19.11 18.81
C PRO A 83 11.80 -20.22 18.32
N ASP A 84 12.02 -20.69 17.08
CA ASP A 84 11.31 -21.86 16.54
C ASP A 84 12.00 -23.17 16.90
N ASP A 85 12.74 -23.16 18.02
CA ASP A 85 13.32 -24.35 18.62
C ASP A 85 12.42 -24.83 19.78
N PRO A 86 12.90 -25.78 20.63
CA PRO A 86 11.88 -26.42 21.49
C PRO A 86 11.55 -25.67 22.79
N LYS A 87 10.30 -25.84 23.23
CA LYS A 87 9.92 -25.65 24.63
C LYS A 87 8.75 -26.58 24.91
N SER A 88 8.98 -27.54 25.81
CA SER A 88 8.03 -28.61 26.08
C SER A 88 6.68 -28.09 26.56
N PHE A 89 5.61 -28.55 25.90
CA PHE A 89 4.24 -28.24 26.30
C PHE A 89 3.85 -29.00 27.57
N ALA A 90 4.72 -29.89 28.01
CA ALA A 90 4.55 -30.63 29.26
C ALA A 90 5.07 -29.83 30.46
N ALA A 91 5.80 -28.75 30.18
CA ALA A 91 6.30 -27.86 31.21
C ALA A 91 5.34 -26.68 31.45
N MET A 92 4.33 -26.58 30.59
CA MET A 92 3.38 -25.48 30.63
C MET A 92 2.02 -25.93 31.12
N ARG A 93 1.51 -25.24 32.14
CA ARG A 93 0.17 -25.49 32.67
C ARG A 93 -0.93 -25.12 31.68
N TYR A 94 -2.01 -25.89 31.70
CA TYR A 94 -3.18 -25.64 30.85
C TYR A 94 -3.67 -24.19 30.97
N THR A 95 -3.54 -23.63 32.17
CA THR A 95 -3.95 -22.25 32.48
C THR A 95 -3.31 -21.21 31.57
N GLU A 96 -2.03 -21.41 31.25
CA GLU A 96 -1.19 -20.42 30.55
C GLU A 96 -1.60 -20.15 29.10
N SER A 97 -2.48 -21.00 28.58
CA SER A 97 -3.03 -20.84 27.24
C SER A 97 -4.54 -20.64 27.32
N ARG A 98 -5.04 -19.62 26.63
CA ARG A 98 -6.46 -19.27 26.64
C ARG A 98 -6.91 -18.85 25.26
N LEU A 99 -8.09 -19.32 24.86
CA LEU A 99 -8.69 -18.95 23.58
C LEU A 99 -9.16 -17.49 23.65
N SER A 100 -8.83 -16.69 22.64
CA SER A 100 -9.17 -15.26 22.62
C SER A 100 -10.65 -14.99 22.33
N LYS A 101 -11.15 -13.81 22.73
CA LYS A 101 -12.55 -13.46 22.52
C LYS A 101 -12.89 -13.55 21.05
N TYR A 102 -11.97 -13.12 20.21
CA TYR A 102 -12.13 -13.21 18.77
C TYR A 102 -12.53 -14.63 18.35
N SER A 103 -11.95 -15.63 19.00
CA SER A 103 -12.24 -17.04 18.71
C SER A 103 -13.74 -17.38 18.69
N GLU A 104 -14.52 -16.70 19.53
CA GLU A 104 -15.96 -16.93 19.64
C GLU A 104 -16.63 -16.89 18.26
N LEU A 105 -16.06 -16.10 17.36
CA LEU A 105 -16.49 -16.07 15.97
C LEU A 105 -16.42 -17.47 15.33
N LEU A 106 -15.43 -18.26 15.72
CA LEU A 106 -15.21 -19.55 15.08
C LEU A 106 -15.91 -20.73 15.77
N LEU A 107 -16.23 -20.57 17.06
CA LEU A 107 -16.63 -21.70 17.93
C LEU A 107 -18.03 -21.61 18.52
N SER A 108 -18.57 -20.41 18.61
CA SER A 108 -19.87 -20.16 19.23
C SER A 108 -20.98 -21.11 18.75
N GLU A 109 -20.98 -21.45 17.46
CA GLU A 109 -22.09 -22.16 16.84
C GLU A 109 -21.86 -23.66 16.61
N LEU A 110 -20.93 -24.25 17.37
CA LEU A 110 -20.46 -25.60 17.09
C LEU A 110 -21.46 -26.73 17.43
N GLY A 111 -22.23 -26.56 18.49
CA GLY A 111 -23.16 -27.61 18.90
C GLY A 111 -24.51 -27.53 18.21
N GLN A 112 -24.56 -26.80 17.09
CA GLN A 112 -25.81 -26.47 16.44
C GLN A 112 -25.92 -26.98 15.00
N GLY A 113 -25.36 -28.16 14.74
CA GLY A 113 -25.45 -28.79 13.43
C GLY A 113 -24.77 -28.02 12.32
N THR A 114 -23.70 -27.30 12.65
CA THR A 114 -23.08 -26.36 11.72
C THR A 114 -21.74 -26.82 11.11
N ALA A 115 -21.26 -27.99 11.54
CA ALA A 115 -20.02 -28.56 11.01
C ALA A 115 -20.18 -30.04 10.70
N ASP A 116 -19.36 -30.55 9.78
CA ASP A 116 -19.31 -31.97 9.52
C ASP A 116 -18.22 -32.54 10.40
N TRP A 117 -18.43 -33.76 10.89
CA TRP A 117 -17.49 -34.34 11.83
C TRP A 117 -16.77 -35.58 11.31
N VAL A 118 -15.44 -35.53 11.41
CA VAL A 118 -14.54 -36.59 10.93
C VAL A 118 -13.62 -37.03 12.07
N PRO A 119 -12.99 -38.21 11.96
CA PRO A 119 -12.25 -38.73 13.11
C PRO A 119 -11.03 -37.93 13.55
N ASN A 120 -10.77 -38.03 14.85
CA ASN A 120 -9.57 -37.59 15.56
C ASN A 120 -8.32 -38.17 14.89
N PHE A 121 -7.18 -37.52 15.07
CA PHE A 121 -5.91 -37.99 14.49
C PHE A 121 -5.59 -39.46 14.73
N ASP A 122 -6.20 -40.07 15.75
CA ASP A 122 -5.90 -41.47 16.12
C ASP A 122 -7.15 -42.36 16.26
N GLY A 123 -8.30 -41.85 15.82
CA GLY A 123 -9.55 -42.63 15.82
C GLY A 123 -10.26 -42.77 17.16
N THR A 124 -9.75 -42.06 18.16
CA THR A 124 -10.30 -42.08 19.51
C THR A 124 -11.51 -41.16 19.61
N LEU A 125 -11.44 -40.00 18.96
CA LEU A 125 -12.48 -38.96 19.07
C LEU A 125 -12.99 -38.44 17.73
N GLN A 126 -13.75 -37.36 17.78
CA GLN A 126 -14.27 -36.71 16.60
C GLN A 126 -13.92 -35.23 16.62
N GLU A 127 -13.77 -34.65 15.43
CA GLU A 127 -13.43 -33.23 15.27
C GLU A 127 -14.13 -32.59 14.07
N PRO A 128 -14.22 -31.24 14.04
CA PRO A 128 -14.93 -30.60 12.94
C PRO A 128 -14.07 -30.56 11.66
N LYS A 129 -14.72 -30.84 10.53
CA LYS A 129 -14.13 -30.70 9.20
C LYS A 129 -13.85 -29.22 8.98
N MET A 130 -14.87 -28.41 9.27
CA MET A 130 -14.79 -26.95 9.18
C MET A 130 -15.29 -26.31 10.48
N LEU A 131 -15.10 -25.00 10.61
CA LEU A 131 -15.66 -24.24 11.73
C LEU A 131 -16.66 -23.20 11.26
N PRO A 132 -17.76 -23.03 12.00
CA PRO A 132 -18.83 -22.08 11.69
C PRO A 132 -18.45 -20.61 11.92
N ALA A 133 -17.45 -20.12 11.19
CA ALA A 133 -16.99 -18.75 11.34
C ALA A 133 -18.08 -17.77 10.90
N ARG A 134 -18.33 -16.77 11.73
CA ARG A 134 -19.37 -15.80 11.46
C ARG A 134 -18.84 -14.67 10.56
N LEU A 135 -17.53 -14.42 10.63
CA LEU A 135 -16.86 -13.43 9.80
C LEU A 135 -15.73 -14.08 9.00
N PRO A 136 -15.40 -13.53 7.82
CA PRO A 136 -14.45 -14.23 6.95
C PRO A 136 -12.98 -14.11 7.45
N ASN A 137 -12.64 -15.00 8.39
CA ASN A 137 -11.32 -15.04 9.02
C ASN A 137 -10.17 -15.15 8.01
N ILE A 138 -10.48 -15.77 6.86
CA ILE A 138 -9.55 -15.92 5.74
C ILE A 138 -8.90 -14.60 5.35
N LEU A 139 -9.73 -13.56 5.25
CA LEU A 139 -9.22 -12.25 4.91
C LEU A 139 -8.71 -11.53 6.15
N LEU A 140 -9.45 -11.66 7.26
CA LEU A 140 -9.11 -10.93 8.47
C LEU A 140 -7.71 -11.26 8.99
N ASN A 141 -7.35 -12.52 8.94
CA ASN A 141 -6.09 -12.94 9.50
C ASN A 141 -5.09 -13.34 8.44
N GLY A 142 -5.60 -13.94 7.37
CA GLY A 142 -4.75 -14.44 6.30
C GLY A 142 -3.74 -15.48 6.73
N THR A 143 -2.73 -15.71 5.90
CA THR A 143 -1.68 -16.67 6.20
C THR A 143 -0.72 -16.07 7.22
N THR A 144 0.49 -16.62 7.33
CA THR A 144 1.40 -16.24 8.41
C THR A 144 2.89 -16.45 8.06
N GLY A 145 3.77 -15.97 8.95
CA GLY A 145 5.20 -16.22 8.85
C GLY A 145 5.98 -15.35 7.86
N ILE A 146 5.28 -14.89 6.81
CA ILE A 146 5.87 -14.22 5.62
C ILE A 146 7.23 -14.77 5.12
N ALA A 147 7.38 -16.10 5.11
CA ALA A 147 8.57 -16.76 4.58
C ALA A 147 8.71 -16.52 3.05
N VAL A 148 9.32 -17.46 2.33
CA VAL A 148 9.28 -17.44 0.86
C VAL A 148 9.15 -18.87 0.36
N GLY A 149 8.44 -19.03 -0.76
CA GLY A 149 8.20 -20.34 -1.33
C GLY A 149 6.99 -20.96 -0.66
N MET A 150 6.14 -20.09 -0.10
CA MET A 150 4.82 -20.51 0.38
C MET A 150 3.93 -20.82 -0.83
N ALA A 151 2.88 -21.61 -0.61
CA ALA A 151 1.93 -21.92 -1.65
C ALA A 151 0.83 -20.86 -1.69
N THR A 152 0.81 -20.00 -0.67
CA THR A 152 -0.21 -18.95 -0.54
C THR A 152 0.35 -17.77 0.24
N ASP A 153 -0.26 -16.60 0.07
CA ASP A 153 0.09 -15.42 0.85
C ASP A 153 -1.13 -14.53 1.03
N ILE A 154 -1.78 -14.63 2.19
CA ILE A 154 -2.97 -13.81 2.44
C ILE A 154 -2.67 -12.79 3.50
N PRO A 155 -2.76 -11.48 3.14
CA PRO A 155 -2.52 -10.39 4.08
C PRO A 155 -3.68 -10.27 5.04
N PRO A 156 -3.44 -9.75 6.25
CA PRO A 156 -4.56 -9.51 7.14
C PRO A 156 -5.35 -8.29 6.68
N HIS A 157 -6.66 -8.31 6.91
CA HIS A 157 -7.49 -7.15 6.59
C HIS A 157 -8.27 -6.65 7.81
N ASN A 158 -8.76 -5.42 7.75
CA ASN A 158 -9.56 -4.85 8.82
C ASN A 158 -10.96 -5.48 8.87
N LEU A 159 -11.35 -5.92 10.06
CA LEU A 159 -12.60 -6.64 10.28
C LEU A 159 -13.81 -5.84 9.81
N ARG A 160 -13.83 -4.56 10.17
CA ARG A 160 -14.95 -3.69 9.88
C ARG A 160 -15.10 -3.37 8.41
N GLU A 161 -13.98 -3.13 7.74
CA GLU A 161 -13.99 -2.90 6.30
C GLU A 161 -14.59 -4.12 5.62
N VAL A 162 -14.03 -5.29 5.90
CA VAL A 162 -14.51 -6.53 5.29
C VAL A 162 -15.97 -6.77 5.62
N ALA A 163 -16.35 -6.60 6.89
CA ALA A 163 -17.73 -6.77 7.32
C ALA A 163 -18.69 -5.94 6.45
N GLN A 164 -18.48 -4.62 6.44
CA GLN A 164 -19.26 -3.70 5.61
C GLN A 164 -19.29 -4.14 4.16
N ALA A 165 -18.16 -4.62 3.66
CA ALA A 165 -18.01 -5.08 2.28
C ALA A 165 -18.82 -6.34 2.00
N ALA A 166 -18.88 -7.24 2.97
CA ALA A 166 -19.73 -8.42 2.85
C ALA A 166 -21.22 -8.02 2.89
N ILE A 167 -21.53 -7.02 3.70
CA ILE A 167 -22.90 -6.53 3.84
C ILE A 167 -23.39 -5.92 2.54
N ALA A 168 -22.54 -5.08 1.94
CA ALA A 168 -22.84 -4.45 0.67
C ALA A 168 -23.19 -5.50 -0.38
N LEU A 169 -22.52 -6.65 -0.29
CA LEU A 169 -22.71 -7.74 -1.22
C LEU A 169 -23.98 -8.53 -0.99
N ILE A 170 -24.44 -8.62 0.25
CA ILE A 170 -25.76 -9.22 0.53
C ILE A 170 -26.85 -8.35 -0.10
N ASP A 171 -26.72 -7.03 0.10
CA ASP A 171 -27.65 -6.05 -0.45
C ASP A 171 -27.62 -6.01 -1.97
N GLN A 172 -26.43 -6.18 -2.54
CA GLN A 172 -26.23 -6.25 -3.98
C GLN A 172 -25.03 -7.10 -4.40
N PRO A 173 -25.26 -8.36 -4.79
CA PRO A 173 -24.20 -9.22 -5.33
C PRO A 173 -23.50 -8.66 -6.57
N LYS A 174 -24.20 -7.84 -7.36
CA LYS A 174 -23.58 -7.25 -8.55
C LYS A 174 -22.66 -6.06 -8.21
N THR A 175 -22.46 -5.82 -6.91
CA THR A 175 -21.48 -4.84 -6.45
C THR A 175 -20.14 -5.07 -7.14
N THR A 176 -19.65 -4.02 -7.79
CA THR A 176 -18.40 -4.06 -8.52
C THR A 176 -17.23 -4.04 -7.55
N LEU A 177 -16.04 -4.37 -8.05
CA LEU A 177 -14.81 -4.33 -7.25
C LEU A 177 -14.52 -2.92 -6.74
N ASP A 178 -14.74 -1.93 -7.61
CA ASP A 178 -14.47 -0.54 -7.27
C ASP A 178 -15.24 -0.07 -6.06
N GLN A 179 -16.47 -0.56 -5.92
CA GLN A 179 -17.31 -0.20 -4.79
C GLN A 179 -16.78 -0.87 -3.51
N LEU A 180 -16.29 -2.09 -3.66
CA LEU A 180 -15.72 -2.83 -2.55
C LEU A 180 -14.40 -2.20 -2.08
N LEU A 181 -13.65 -1.65 -3.03
CA LEU A 181 -12.41 -0.98 -2.72
C LEU A 181 -12.59 0.45 -2.20
N ASP A 182 -13.85 0.88 -2.13
CA ASP A 182 -14.22 2.10 -1.42
C ASP A 182 -14.58 1.79 0.02
N ILE A 183 -14.66 0.49 0.32
CA ILE A 183 -14.86 0.04 1.69
C ILE A 183 -13.58 -0.63 2.16
N VAL A 184 -13.14 -1.64 1.43
CA VAL A 184 -11.86 -2.30 1.72
C VAL A 184 -10.69 -1.50 1.13
N GLN A 185 -9.96 -0.84 2.01
CA GLN A 185 -8.83 -0.02 1.61
C GLN A 185 -7.68 -0.86 1.07
N GLY A 186 -7.53 -2.06 1.62
CA GLY A 186 -6.41 -2.94 1.32
C GLY A 186 -6.00 -3.70 2.57
N PRO A 187 -4.81 -4.32 2.56
CA PRO A 187 -4.37 -5.03 3.75
C PRO A 187 -4.32 -4.10 4.97
N ASP A 188 -4.61 -4.67 6.13
CA ASP A 188 -4.51 -3.95 7.38
C ASP A 188 -3.66 -4.77 8.32
N TYR A 189 -2.38 -4.37 8.41
CA TYR A 189 -1.37 -5.08 9.18
C TYR A 189 -1.31 -4.64 10.64
N PRO A 190 -0.91 -5.57 11.54
CA PRO A 190 -0.79 -5.24 12.95
C PRO A 190 0.42 -4.35 13.23
N THR A 191 0.49 -3.21 12.53
CA THR A 191 1.57 -2.23 12.67
C THR A 191 1.16 -0.87 12.13
N GLU A 192 1.66 0.20 12.74
CA GLU A 192 1.27 1.55 12.35
C GLU A 192 2.13 2.12 11.22
N ALA A 193 2.95 1.27 10.63
CA ALA A 193 3.74 1.62 9.46
C ALA A 193 2.84 1.68 8.25
N GLU A 194 3.24 2.42 7.24
CA GLU A 194 2.35 2.78 6.15
C GLU A 194 2.40 1.78 5.00
N ILE A 195 1.26 1.55 4.36
CA ILE A 195 1.24 0.88 3.06
C ILE A 195 1.37 1.95 1.98
N ILE A 196 2.48 1.93 1.27
CA ILE A 196 2.79 2.99 0.31
C ILE A 196 2.35 2.72 -1.13
N THR A 197 1.97 1.47 -1.45
CA THR A 197 1.59 1.17 -2.83
C THR A 197 0.30 1.85 -3.28
N SER A 198 0.32 2.30 -4.52
CA SER A 198 -0.79 2.99 -5.17
C SER A 198 -2.11 2.26 -5.02
N ARG A 199 -3.17 3.01 -4.80
CA ARG A 199 -4.52 2.45 -4.75
C ARG A 199 -4.96 1.84 -6.08
N ALA A 200 -4.40 2.34 -7.18
CA ALA A 200 -4.63 1.77 -8.50
C ALA A 200 -3.95 0.42 -8.62
N GLU A 201 -2.79 0.29 -7.98
CA GLU A 201 -2.01 -0.95 -7.95
C GLU A 201 -2.59 -1.93 -6.94
N ILE A 202 -3.19 -1.39 -5.88
CA ILE A 202 -3.83 -2.18 -4.85
C ILE A 202 -5.11 -2.81 -5.39
N ARG A 203 -5.51 -2.37 -6.58
CA ARG A 203 -6.72 -2.84 -7.26
C ARG A 203 -6.39 -4.00 -8.20
N LYS A 204 -5.26 -3.88 -8.91
CA LYS A 204 -4.78 -4.95 -9.79
C LYS A 204 -4.59 -6.25 -9.02
N ILE A 205 -4.15 -6.11 -7.76
CA ILE A 205 -3.98 -7.24 -6.85
C ILE A 205 -5.32 -7.91 -6.61
N TYR A 206 -6.32 -7.11 -6.22
CA TYR A 206 -7.63 -7.67 -5.88
C TYR A 206 -8.48 -8.09 -7.08
N GLU A 207 -8.00 -7.86 -8.29
CA GLU A 207 -8.67 -8.37 -9.49
C GLU A 207 -8.03 -9.68 -9.96
N ASN A 208 -6.74 -9.85 -9.67
CA ASN A 208 -5.99 -11.03 -10.07
C ASN A 208 -5.76 -11.99 -8.92
N GLY A 209 -6.09 -11.56 -7.71
CA GLY A 209 -5.86 -12.33 -6.50
C GLY A 209 -4.38 -12.50 -6.19
N ARG A 210 -3.53 -11.78 -6.93
CA ARG A 210 -2.08 -11.89 -6.78
C ARG A 210 -1.33 -10.60 -7.14
N GLY A 211 -0.25 -10.36 -6.42
CA GLY A 211 0.63 -9.21 -6.67
C GLY A 211 1.49 -8.96 -5.46
N SER A 212 1.89 -7.71 -5.27
CA SER A 212 2.71 -7.32 -4.14
C SER A 212 2.34 -5.97 -3.56
N VAL A 213 2.54 -5.82 -2.25
CA VAL A 213 2.28 -4.57 -1.54
C VAL A 213 3.51 -4.15 -0.74
N ARG A 214 3.78 -2.85 -0.74
CA ARG A 214 4.99 -2.32 -0.11
C ARG A 214 4.65 -1.49 1.12
N MET A 215 5.50 -1.58 2.14
CA MET A 215 5.30 -0.85 3.41
C MET A 215 6.51 0.00 3.71
N ARG A 216 6.32 1.04 4.51
CA ARG A 216 7.42 1.89 4.94
C ARG A 216 7.29 2.31 6.39
N ALA A 217 8.42 2.26 7.11
CA ALA A 217 8.52 2.75 8.49
C ALA A 217 8.10 4.21 8.63
N VAL A 218 7.45 4.51 9.75
CA VAL A 218 7.04 5.88 10.09
C VAL A 218 8.16 6.60 10.84
N TRP A 219 8.50 7.80 10.39
CA TRP A 219 9.59 8.55 11.00
C TRP A 219 9.34 10.06 11.13
N LYS A 220 10.26 10.73 11.79
CA LYS A 220 10.16 12.16 12.05
C LYS A 220 11.56 12.73 12.25
N LYS A 221 11.66 14.06 12.22
CA LYS A 221 12.90 14.73 12.55
C LYS A 221 12.76 15.30 13.94
N GLU A 222 13.59 14.81 14.86
CA GLU A 222 13.61 15.35 16.21
C GLU A 222 14.87 16.19 16.39
N ASP A 223 14.76 17.48 16.06
CA ASP A 223 15.86 18.44 16.06
C ASP A 223 17.25 17.82 15.91
N GLY A 224 17.72 17.75 14.66
CA GLY A 224 19.03 17.19 14.37
C GLY A 224 18.89 15.81 13.75
N ALA A 225 18.47 14.84 14.56
CA ALA A 225 18.46 13.44 14.17
C ALA A 225 17.08 12.96 13.71
N VAL A 226 17.00 11.69 13.30
CA VAL A 226 15.76 11.08 12.85
C VAL A 226 15.32 9.99 13.83
N VAL A 227 14.02 9.96 14.13
CA VAL A 227 13.45 8.96 15.02
C VAL A 227 12.41 8.12 14.29
N ILE A 228 12.71 6.82 14.16
CA ILE A 228 11.78 5.84 13.60
C ILE A 228 10.93 5.31 14.74
N SER A 229 9.62 5.33 14.56
CA SER A 229 8.69 4.98 15.61
C SER A 229 7.91 3.70 15.30
N ALA A 230 7.56 3.52 14.03
CA ALA A 230 6.85 2.32 13.58
C ALA A 230 7.63 1.66 12.46
N LEU A 231 7.61 0.33 12.46
CA LEU A 231 8.42 -0.46 11.53
C LEU A 231 7.53 -1.36 10.67
N PRO A 232 7.96 -1.65 9.42
CA PRO A 232 7.19 -2.53 8.54
C PRO A 232 6.92 -3.89 9.18
N HIS A 233 5.74 -4.42 8.92
CA HIS A 233 5.29 -5.70 9.45
C HIS A 233 6.40 -6.74 9.54
N GLN A 234 6.62 -7.25 10.74
CA GLN A 234 7.57 -8.35 10.99
C GLN A 234 9.04 -8.08 10.67
N VAL A 235 9.48 -6.83 10.77
CA VAL A 235 10.90 -6.54 10.69
C VAL A 235 11.31 -6.02 12.07
N SER A 236 12.32 -6.66 12.66
CA SER A 236 12.77 -6.29 14.00
C SER A 236 13.61 -5.02 13.96
N GLY A 237 13.60 -4.26 15.06
CA GLY A 237 14.53 -3.14 15.20
C GLY A 237 15.94 -3.64 14.89
N ALA A 238 16.31 -4.76 15.50
CA ALA A 238 17.63 -5.35 15.32
C ALA A 238 18.04 -5.54 13.86
N ARG A 239 17.06 -5.85 13.00
CA ARG A 239 17.35 -6.13 11.59
C ARG A 239 17.77 -4.88 10.81
N VAL A 240 16.92 -3.86 10.80
CA VAL A 240 17.23 -2.63 10.06
C VAL A 240 18.43 -1.91 10.69
N LEU A 241 18.56 -2.02 12.00
CA LEU A 241 19.62 -1.39 12.76
C LEU A 241 20.96 -2.07 12.47
N GLU A 242 20.88 -3.31 11.99
CA GLU A 242 22.06 -4.07 11.56
C GLU A 242 22.51 -3.71 10.15
N GLN A 243 21.57 -3.38 9.28
CA GLN A 243 21.86 -3.05 7.89
C GLN A 243 22.49 -1.67 7.77
N ILE A 244 21.89 -0.70 8.46
CA ILE A 244 22.37 0.67 8.52
C ILE A 244 23.78 0.70 9.11
N ALA A 245 24.10 -0.30 9.93
CA ALA A 245 25.41 -0.39 10.55
C ALA A 245 26.45 -0.99 9.61
N ALA A 246 26.00 -1.85 8.71
CA ALA A 246 26.89 -2.43 7.69
C ALA A 246 27.21 -1.39 6.63
N GLN A 247 26.26 -0.50 6.38
CA GLN A 247 26.45 0.56 5.42
C GLN A 247 27.47 1.57 5.92
N MET A 248 27.50 1.79 7.23
CA MET A 248 28.48 2.70 7.83
C MET A 248 29.84 2.03 7.99
N ARG A 249 29.84 0.75 8.34
CA ARG A 249 31.08 -0.01 8.43
C ARG A 249 31.79 0.02 7.09
N ASN A 250 31.01 -0.04 6.01
CA ASN A 250 31.53 0.18 4.68
C ASN A 250 31.59 1.67 4.36
N LYS A 251 32.51 2.07 3.49
CA LYS A 251 32.72 3.48 3.23
C LYS A 251 31.49 4.12 2.56
N LYS A 252 30.33 3.50 2.77
CA LYS A 252 29.02 4.02 2.35
C LYS A 252 28.36 4.70 3.54
N LEU A 253 27.22 5.35 3.31
CA LEU A 253 26.54 6.14 4.33
C LEU A 253 27.48 6.98 5.24
N PRO A 254 28.35 7.83 4.64
CA PRO A 254 29.32 8.56 5.44
C PRO A 254 28.70 9.74 6.19
N MET A 255 27.50 10.14 5.79
CA MET A 255 26.83 11.28 6.42
C MET A 255 26.23 10.92 7.78
N VAL A 256 26.10 9.62 8.06
CA VAL A 256 25.55 9.18 9.34
C VAL A 256 26.65 8.99 10.38
N ASP A 257 26.53 9.76 11.46
CA ASP A 257 27.50 9.83 12.55
C ASP A 257 27.28 8.69 13.55
N ASP A 258 26.13 8.69 14.22
CA ASP A 258 25.81 7.66 15.21
C ASP A 258 24.45 7.02 14.94
N LEU A 259 24.15 5.98 15.71
CA LEU A 259 22.97 5.17 15.54
C LEU A 259 22.69 4.50 16.87
N ARG A 260 21.53 4.77 17.46
CA ARG A 260 21.18 4.14 18.74
C ARG A 260 19.72 3.71 18.85
N ASP A 261 19.53 2.60 19.56
CA ASP A 261 18.24 1.97 19.74
C ASP A 261 17.68 2.34 21.10
N GLU A 262 16.82 3.36 21.13
CA GLU A 262 16.24 3.87 22.37
C GLU A 262 14.81 3.37 22.61
N SER A 263 14.59 2.08 22.37
CA SER A 263 13.28 1.46 22.57
C SER A 263 13.05 1.09 24.03
N ASP A 264 11.87 1.40 24.54
CA ASP A 264 11.58 1.21 25.96
C ASP A 264 10.28 0.43 26.19
N HIS A 265 9.26 1.15 26.65
CA HIS A 265 7.93 0.66 26.89
C HIS A 265 7.12 1.93 26.96
N GLU A 266 7.86 3.03 26.87
CA GLU A 266 7.31 4.36 26.68
C GLU A 266 7.28 4.54 25.17
N ASN A 267 8.32 4.02 24.52
CA ASN A 267 8.51 4.12 23.09
C ASN A 267 8.97 2.76 22.59
N PRO A 268 8.02 1.91 22.13
CA PRO A 268 8.27 0.51 21.76
C PRO A 268 9.31 0.31 20.65
N THR A 269 9.32 1.19 19.66
CA THR A 269 10.22 1.02 18.51
C THR A 269 10.97 2.30 18.13
N ARG A 270 11.57 2.95 19.13
CA ARG A 270 12.30 4.21 18.95
C ARG A 270 13.75 3.97 18.52
N LEU A 271 14.08 4.38 17.29
CA LEU A 271 15.46 4.24 16.75
C LEU A 271 15.99 5.59 16.30
N VAL A 272 17.16 5.96 16.80
CA VAL A 272 17.73 7.26 16.47
C VAL A 272 18.83 7.12 15.42
N ILE A 273 18.75 7.94 14.37
CA ILE A 273 19.80 8.02 13.38
C ILE A 273 20.39 9.43 13.38
N VAL A 274 21.61 9.55 13.89
CA VAL A 274 22.28 10.84 14.04
C VAL A 274 23.18 11.15 12.84
N PRO A 275 22.87 12.25 12.12
CA PRO A 275 23.71 12.68 11.01
C PRO A 275 25.00 13.35 11.48
N ARG A 276 25.98 13.46 10.59
CA ARG A 276 27.24 14.15 10.87
C ARG A 276 27.02 15.56 11.40
N SER A 277 26.24 16.35 10.66
CA SER A 277 26.11 17.77 10.93
C SER A 277 24.66 18.27 11.04
N ASN A 278 24.47 19.51 10.58
CA ASN A 278 23.22 20.24 10.70
C ASN A 278 22.60 20.35 9.31
N ARG A 279 23.49 20.42 8.31
CA ARG A 279 23.09 20.62 6.91
C ARG A 279 23.11 19.33 6.10
N VAL A 280 22.88 18.20 6.77
CA VAL A 280 22.69 16.93 6.07
C VAL A 280 21.23 16.82 5.65
N ASP A 281 21.00 16.57 4.35
CA ASP A 281 19.64 16.37 3.85
C ASP A 281 19.16 14.97 4.23
N MET A 282 18.54 14.90 5.41
CA MET A 282 18.12 13.63 6.00
C MET A 282 16.97 12.96 5.24
N ASP A 283 16.24 13.75 4.44
CA ASP A 283 15.25 13.18 3.54
C ASP A 283 15.93 12.38 2.44
N GLN A 284 17.06 12.89 1.97
CA GLN A 284 17.87 12.18 1.00
C GLN A 284 18.39 10.89 1.61
N VAL A 285 18.84 10.97 2.85
CA VAL A 285 19.33 9.81 3.59
C VAL A 285 18.20 8.80 3.76
N MET A 286 17.08 9.25 4.33
CA MET A 286 15.92 8.39 4.51
C MET A 286 15.50 7.74 3.19
N ASN A 287 15.51 8.51 2.11
CA ASN A 287 15.17 7.99 0.78
C ASN A 287 16.19 7.03 0.17
N HIS A 288 17.39 6.97 0.76
CA HIS A 288 18.37 5.98 0.35
C HIS A 288 18.15 4.69 1.15
N LEU A 289 17.81 4.86 2.43
CA LEU A 289 17.59 3.75 3.34
C LEU A 289 16.35 2.90 3.02
N PHE A 290 15.25 3.52 2.63
CA PHE A 290 14.06 2.76 2.21
C PHE A 290 14.38 1.93 0.97
N ALA A 291 15.32 2.41 0.16
CA ALA A 291 15.71 1.74 -1.07
C ALA A 291 16.71 0.61 -0.83
N THR A 292 17.38 0.61 0.33
CA THR A 292 18.48 -0.33 0.59
C THR A 292 18.44 -1.08 1.94
N THR A 293 17.41 -0.80 2.75
CA THR A 293 17.19 -1.50 4.01
C THR A 293 15.73 -1.94 4.08
N ASP A 294 15.37 -2.69 5.12
CA ASP A 294 13.99 -3.15 5.29
C ASP A 294 13.10 -2.14 5.99
N LEU A 295 13.57 -0.89 6.10
CA LEU A 295 12.75 0.21 6.60
C LEU A 295 11.60 0.44 5.65
N GLU A 296 11.66 -0.26 4.52
CA GLU A 296 10.57 -0.35 3.56
C GLU A 296 10.65 -1.75 2.97
N LYS A 297 9.52 -2.42 2.80
CA LYS A 297 9.55 -3.81 2.37
C LYS A 297 8.41 -4.24 1.45
N SER A 298 8.72 -5.13 0.51
CA SER A 298 7.69 -5.73 -0.33
C SER A 298 7.07 -6.92 0.38
N TYR A 299 5.79 -7.15 0.11
CA TYR A 299 5.07 -8.29 0.65
C TYR A 299 4.30 -8.95 -0.48
N ARG A 300 4.67 -10.20 -0.78
CA ARG A 300 4.03 -10.97 -1.82
C ARG A 300 2.58 -11.26 -1.46
N ILE A 301 1.69 -11.16 -2.44
CA ILE A 301 0.29 -11.53 -2.25
C ILE A 301 -0.13 -12.61 -3.23
N ASN A 302 -0.59 -13.73 -2.68
CA ASN A 302 -1.09 -14.85 -3.45
C ASN A 302 -2.25 -15.45 -2.70
N LEU A 303 -3.47 -15.08 -3.10
CA LEU A 303 -4.72 -15.47 -2.40
C LEU A 303 -5.15 -16.89 -2.78
N ASN A 304 -4.24 -17.84 -2.59
CA ASN A 304 -4.47 -19.24 -2.86
C ASN A 304 -5.11 -19.89 -1.65
N MET A 305 -6.18 -20.65 -1.87
CA MET A 305 -6.98 -21.24 -0.79
C MET A 305 -7.82 -22.41 -1.29
N ILE A 306 -8.42 -23.15 -0.36
CA ILE A 306 -9.31 -24.24 -0.75
C ILE A 306 -10.78 -23.77 -0.79
N GLY A 307 -11.42 -23.94 -1.94
CA GLY A 307 -12.80 -23.51 -2.13
C GLY A 307 -13.83 -24.48 -1.56
N LEU A 308 -15.10 -24.10 -1.61
CA LEU A 308 -16.20 -24.94 -1.14
C LEU A 308 -16.37 -26.19 -1.98
N ASP A 309 -15.79 -26.17 -3.18
CA ASP A 309 -15.76 -27.34 -4.06
C ASP A 309 -14.54 -28.21 -3.72
N GLY A 310 -13.79 -27.79 -2.70
CA GLY A 310 -12.67 -28.55 -2.16
C GLY A 310 -11.44 -28.54 -3.03
N ARG A 311 -11.41 -27.63 -4.01
CA ARG A 311 -10.27 -27.47 -4.90
C ARG A 311 -9.44 -26.24 -4.51
N PRO A 312 -8.11 -26.32 -4.72
CA PRO A 312 -7.26 -25.16 -4.53
C PRO A 312 -7.47 -24.15 -5.66
N ALA A 313 -7.48 -22.87 -5.33
CA ALA A 313 -7.61 -21.82 -6.33
C ALA A 313 -7.27 -20.46 -5.75
N VAL A 314 -6.45 -19.71 -6.48
CA VAL A 314 -6.22 -18.30 -6.20
C VAL A 314 -7.44 -17.55 -6.71
N LYS A 315 -8.06 -16.75 -5.84
CA LYS A 315 -9.30 -16.05 -6.18
C LYS A 315 -9.32 -14.54 -5.86
N ASN A 316 -10.36 -13.86 -6.35
CA ASN A 316 -10.55 -12.40 -6.23
C ASN A 316 -11.06 -11.97 -4.90
N LEU A 317 -10.90 -10.68 -4.60
CA LEU A 317 -11.61 -10.08 -3.48
C LEU A 317 -13.12 -10.33 -3.63
N LEU A 318 -13.66 -10.05 -4.81
CA LEU A 318 -15.04 -10.38 -5.13
C LEU A 318 -15.32 -11.86 -4.90
N GLU A 319 -14.61 -12.70 -5.63
CA GLU A 319 -14.78 -14.16 -5.54
C GLU A 319 -14.66 -14.68 -4.12
N ILE A 320 -13.65 -14.21 -3.38
CA ILE A 320 -13.45 -14.62 -1.99
C ILE A 320 -14.67 -14.29 -1.13
N LEU A 321 -15.20 -13.08 -1.30
CA LEU A 321 -16.26 -12.57 -0.46
C LEU A 321 -17.60 -13.18 -0.82
N SER A 322 -17.78 -13.49 -2.09
CA SER A 322 -19.01 -14.12 -2.57
C SER A 322 -19.09 -15.54 -2.05
N GLU A 323 -18.04 -16.31 -2.28
CA GLU A 323 -17.99 -17.70 -1.93
C GLU A 323 -18.06 -17.86 -0.42
N TRP A 324 -17.47 -16.91 0.31
CA TRP A 324 -17.61 -16.93 1.75
C TRP A 324 -19.05 -16.71 2.15
N LEU A 325 -19.71 -15.76 1.50
CA LEU A 325 -21.13 -15.49 1.76
C LEU A 325 -22.00 -16.74 1.61
N VAL A 326 -21.74 -17.55 0.57
CA VAL A 326 -22.51 -18.76 0.35
C VAL A 326 -22.21 -19.81 1.42
N PHE A 327 -21.02 -19.72 2.00
CA PHE A 327 -20.68 -20.59 3.14
C PHE A 327 -21.37 -20.13 4.41
N ARG A 328 -21.40 -18.82 4.65
CA ARG A 328 -22.07 -18.26 5.83
C ARG A 328 -23.55 -18.55 5.77
N ARG A 329 -24.16 -18.36 4.59
CA ARG A 329 -25.56 -18.71 4.35
C ARG A 329 -25.83 -20.17 4.68
N ASP A 330 -25.01 -21.07 4.11
CA ASP A 330 -25.14 -22.49 4.38
C ASP A 330 -25.04 -22.74 5.88
N THR A 331 -24.05 -22.13 6.52
CA THR A 331 -23.85 -22.30 7.95
C THR A 331 -25.11 -21.93 8.73
N VAL A 332 -25.74 -20.82 8.34
CA VAL A 332 -26.97 -20.38 9.00
C VAL A 332 -28.15 -21.29 8.70
N ARG A 333 -28.34 -21.66 7.44
CA ARG A 333 -29.36 -22.65 7.05
C ARG A 333 -29.33 -23.80 8.02
N ARG A 334 -28.12 -24.31 8.26
CA ARG A 334 -27.90 -25.40 9.18
C ARG A 334 -28.33 -25.01 10.60
N ARG A 335 -27.82 -23.88 11.09
CA ARG A 335 -28.06 -23.48 12.48
C ARG A 335 -29.54 -23.48 12.80
N LEU A 336 -30.34 -22.90 11.91
CA LEU A 336 -31.77 -22.82 12.10
C LEU A 336 -32.40 -24.21 12.02
N ASN A 337 -32.10 -24.94 10.94
CA ASN A 337 -32.61 -26.29 10.74
C ASN A 337 -32.35 -27.21 11.93
N TYR A 338 -31.19 -27.06 12.54
CA TYR A 338 -30.83 -27.79 13.74
C TYR A 338 -31.86 -27.59 14.85
N ARG A 339 -32.35 -26.37 14.99
CA ARG A 339 -33.39 -26.04 15.94
C ARG A 339 -34.72 -26.55 15.42
N LEU A 340 -34.94 -26.36 14.13
CA LEU A 340 -36.17 -26.75 13.48
C LEU A 340 -36.44 -28.25 13.68
N GLU A 341 -35.47 -29.07 13.30
CA GLU A 341 -35.63 -30.52 13.39
C GLU A 341 -35.97 -30.89 14.83
N LYS A 342 -35.34 -30.19 15.76
CA LYS A 342 -35.49 -30.42 17.19
C LYS A 342 -36.88 -29.97 17.67
N VAL A 343 -37.48 -29.02 16.97
CA VAL A 343 -38.82 -28.53 17.34
C VAL A 343 -39.94 -29.30 16.65
N LEU A 344 -39.75 -29.60 15.36
CA LEU A 344 -40.68 -30.43 14.61
C LEU A 344 -40.89 -31.78 15.29
N LYS A 345 -39.82 -32.37 15.83
CA LYS A 345 -39.88 -33.66 16.53
C LYS A 345 -40.77 -33.61 17.78
N ARG A 346 -40.54 -32.62 18.63
CA ARG A 346 -41.35 -32.48 19.82
C ARG A 346 -42.82 -32.25 19.45
N LEU A 347 -43.06 -31.47 18.39
CA LEU A 347 -44.45 -31.26 17.93
C LEU A 347 -45.09 -32.57 17.46
N HIS A 348 -44.32 -33.36 16.69
CA HIS A 348 -44.77 -34.67 16.25
C HIS A 348 -45.18 -35.50 17.46
N ILE A 349 -44.32 -35.54 18.47
CA ILE A 349 -44.56 -36.27 19.71
C ILE A 349 -45.77 -35.70 20.46
N LEU A 350 -45.83 -34.38 20.57
CA LEU A 350 -46.92 -33.76 21.30
C LEU A 350 -48.26 -34.10 20.68
N GLU A 351 -48.33 -34.11 19.35
CA GLU A 351 -49.53 -34.48 18.62
C GLU A 351 -49.98 -35.91 18.97
N GLY A 352 -49.06 -36.87 18.85
CA GLY A 352 -49.34 -38.26 19.21
C GLY A 352 -49.87 -38.44 20.62
N LEU A 353 -49.26 -37.73 21.58
CA LEU A 353 -49.73 -37.73 22.96
C LEU A 353 -51.14 -37.18 23.02
N LEU A 354 -51.38 -36.12 22.26
CA LEU A 354 -52.67 -35.45 22.25
C LEU A 354 -53.74 -36.36 21.65
N VAL A 355 -53.32 -37.24 20.75
CA VAL A 355 -54.19 -38.26 20.16
C VAL A 355 -54.65 -39.30 21.18
N ALA A 356 -53.79 -39.60 22.16
CA ALA A 356 -54.12 -40.54 23.21
C ALA A 356 -55.11 -39.96 24.22
N PHE A 357 -54.91 -38.70 24.60
CA PHE A 357 -55.80 -38.00 25.52
C PHE A 357 -57.24 -37.99 25.01
N LEU A 358 -57.41 -37.73 23.71
CA LEU A 358 -58.74 -37.67 23.12
C LEU A 358 -59.34 -39.05 22.84
N ASN A 359 -58.49 -40.08 22.83
CA ASN A 359 -58.92 -41.44 22.48
C ASN A 359 -58.49 -42.50 23.48
N ILE A 360 -58.39 -42.15 24.76
CA ILE A 360 -57.92 -43.08 25.80
C ILE A 360 -58.71 -44.39 25.86
N ASP A 361 -60.02 -44.28 26.09
CA ASP A 361 -60.87 -45.46 26.11
C ASP A 361 -60.50 -46.39 24.97
N GLU A 362 -60.39 -45.85 23.76
CA GLU A 362 -60.02 -46.66 22.60
C GLU A 362 -58.57 -47.18 22.64
N VAL A 363 -57.60 -46.31 22.96
CA VAL A 363 -56.19 -46.73 22.99
C VAL A 363 -55.91 -47.81 24.04
N ILE A 364 -56.51 -47.67 25.22
CA ILE A 364 -56.36 -48.64 26.28
C ILE A 364 -56.96 -49.97 25.86
N GLU A 365 -58.18 -49.94 25.31
CA GLU A 365 -58.86 -51.15 24.89
C GLU A 365 -58.05 -51.96 23.88
N ILE A 366 -57.30 -51.27 23.03
CA ILE A 366 -56.44 -51.97 22.07
C ILE A 366 -55.16 -52.51 22.71
N ILE A 367 -54.57 -51.71 23.60
CA ILE A 367 -53.44 -52.16 24.42
C ILE A 367 -53.81 -53.41 25.21
N ARG A 368 -55.02 -53.42 25.78
CA ARG A 368 -55.51 -54.53 26.57
C ARG A 368 -55.77 -55.77 25.73
N ASN A 369 -56.46 -55.61 24.61
CA ASN A 369 -57.02 -56.75 23.89
C ASN A 369 -56.20 -57.39 22.77
N GLU A 370 -55.14 -56.73 22.30
CA GLU A 370 -54.37 -57.30 21.20
C GLU A 370 -52.93 -57.68 21.54
N ASP A 371 -52.42 -58.66 20.79
CA ASP A 371 -51.07 -59.21 20.95
C ASP A 371 -49.99 -58.13 20.97
N GLU A 372 -49.72 -57.53 19.81
CA GLU A 372 -48.71 -56.48 19.72
C GLU A 372 -49.36 -55.11 19.52
N PRO A 373 -49.51 -54.36 20.64
CA PRO A 373 -50.24 -53.10 20.66
C PRO A 373 -49.68 -52.07 19.70
N LYS A 374 -48.37 -51.91 19.66
CA LYS A 374 -47.76 -50.83 18.89
C LYS A 374 -48.14 -50.84 17.41
N PRO A 375 -47.73 -51.88 16.63
CA PRO A 375 -48.13 -51.91 15.22
C PRO A 375 -49.62 -51.68 15.00
N ALA A 376 -50.44 -52.19 15.92
CA ALA A 376 -51.89 -52.03 15.86
C ALA A 376 -52.34 -50.60 16.19
N LEU A 377 -51.59 -49.90 17.03
CA LEU A 377 -51.92 -48.52 17.40
C LEU A 377 -51.58 -47.51 16.32
N MET A 378 -50.55 -47.79 15.52
CA MET A 378 -50.20 -46.91 14.41
C MET A 378 -51.08 -47.17 13.18
N SER A 379 -51.72 -48.34 13.15
CA SER A 379 -52.67 -48.68 12.08
C SER A 379 -53.87 -47.74 12.13
N ARG A 380 -54.73 -47.91 13.13
CA ARG A 380 -55.76 -46.92 13.41
C ARG A 380 -55.03 -45.68 13.91
N PHE A 381 -55.76 -44.58 14.08
CA PHE A 381 -55.17 -43.29 14.49
C PHE A 381 -54.17 -42.72 13.51
N GLY A 382 -53.52 -43.57 12.73
CA GLY A 382 -52.53 -43.15 11.74
C GLY A 382 -51.29 -42.55 12.36
N LEU A 383 -50.68 -43.28 13.29
CA LEU A 383 -49.53 -42.79 14.03
C LEU A 383 -48.24 -43.31 13.45
N THR A 384 -47.12 -42.96 14.08
CA THR A 384 -45.79 -43.39 13.64
C THR A 384 -45.12 -44.27 14.70
N GLU A 385 -44.19 -45.11 14.25
CA GLU A 385 -43.46 -46.06 15.10
C GLU A 385 -42.57 -45.35 16.13
N THR A 386 -43.02 -44.17 16.56
CA THR A 386 -42.27 -43.31 17.46
C THR A 386 -43.25 -42.44 18.26
N GLN A 387 -44.41 -42.17 17.66
CA GLN A 387 -45.53 -41.55 18.36
C GLN A 387 -46.18 -42.61 19.23
N ALA A 388 -46.52 -43.74 18.59
CA ALA A 388 -47.07 -44.89 19.27
C ALA A 388 -46.18 -45.31 20.43
N GLU A 389 -44.87 -45.18 20.24
CA GLU A 389 -43.92 -45.46 21.31
C GLU A 389 -44.14 -44.51 22.48
N ALA A 390 -44.21 -43.21 22.18
CA ALA A 390 -44.41 -42.19 23.20
C ALA A 390 -45.72 -42.39 23.97
N ILE A 391 -46.74 -42.88 23.27
CA ILE A 391 -48.02 -43.18 23.89
C ILE A 391 -47.90 -44.36 24.87
N LEU A 392 -47.16 -45.39 24.46
CA LEU A 392 -46.95 -46.57 25.28
C LEU A 392 -46.15 -46.26 26.55
N GLU A 393 -45.30 -45.24 26.48
CA GLU A 393 -44.46 -44.86 27.61
C GLU A 393 -45.16 -43.91 28.59
N LEU A 394 -46.39 -43.50 28.25
CA LEU A 394 -47.17 -42.61 29.10
C LEU A 394 -47.55 -43.24 30.43
N LYS A 395 -47.20 -42.58 31.52
CA LYS A 395 -47.67 -42.97 32.84
C LYS A 395 -49.09 -42.45 33.01
N LEU A 396 -49.93 -43.21 33.72
CA LEU A 396 -51.34 -42.86 33.89
C LEU A 396 -51.52 -41.46 34.46
N ARG A 397 -50.59 -41.05 35.32
CA ARG A 397 -50.60 -39.72 35.92
C ARG A 397 -50.46 -38.59 34.88
N HIS A 398 -49.87 -38.93 33.73
CA HIS A 398 -49.75 -37.97 32.64
C HIS A 398 -51.08 -37.70 31.97
N LEU A 399 -52.07 -38.55 32.25
CA LEU A 399 -53.38 -38.42 31.63
C LEU A 399 -54.30 -37.41 32.32
N ALA A 400 -53.79 -36.73 33.34
CA ALA A 400 -54.59 -35.77 34.09
C ALA A 400 -54.86 -34.50 33.28
N LYS A 401 -56.02 -33.89 33.52
CA LYS A 401 -56.40 -32.62 32.90
C LYS A 401 -55.22 -31.65 32.87
N LEU A 402 -54.70 -31.35 34.05
CA LEU A 402 -53.62 -30.38 34.22
C LEU A 402 -52.43 -30.68 33.32
N GLU A 403 -52.14 -31.97 33.16
CA GLU A 403 -51.04 -32.41 32.31
C GLU A 403 -51.27 -32.10 30.83
N GLU A 404 -52.53 -32.21 30.41
CA GLU A 404 -52.93 -31.92 29.05
C GLU A 404 -52.77 -30.44 28.72
N MET A 405 -53.13 -29.59 29.69
CA MET A 405 -53.03 -28.14 29.51
C MET A 405 -51.57 -27.71 29.38
N LYS A 406 -50.66 -28.42 30.05
CA LYS A 406 -49.23 -28.22 29.86
C LYS A 406 -48.84 -28.56 28.42
N ILE A 407 -49.44 -29.62 27.88
CA ILE A 407 -49.07 -30.11 26.55
C ILE A 407 -49.57 -29.20 25.42
N ARG A 408 -50.81 -28.74 25.54
CA ARG A 408 -51.38 -27.81 24.57
C ARG A 408 -50.62 -26.49 24.57
N GLY A 409 -50.20 -26.05 25.76
CA GLY A 409 -49.37 -24.86 25.90
C GLY A 409 -48.06 -24.99 25.14
N GLU A 410 -47.21 -25.91 25.58
CA GLU A 410 -45.92 -26.18 24.93
C GLU A 410 -46.08 -26.30 23.42
N GLN A 411 -47.17 -26.91 22.98
CA GLN A 411 -47.46 -27.07 21.56
C GLN A 411 -47.70 -25.74 20.87
N SER A 412 -48.42 -24.84 21.54
CA SER A 412 -48.78 -23.55 20.93
C SER A 412 -47.56 -22.68 20.72
N GLU A 413 -46.65 -22.71 21.70
CA GLU A 413 -45.38 -21.99 21.60
C GLU A 413 -44.55 -22.55 20.46
N LEU A 414 -44.45 -23.88 20.43
CA LEU A 414 -43.59 -24.56 19.46
C LEU A 414 -44.11 -24.46 18.03
N GLU A 415 -45.42 -24.20 17.87
CA GLU A 415 -45.92 -23.91 16.53
C GLU A 415 -45.64 -22.46 16.14
N LYS A 416 -45.68 -21.56 17.12
CA LYS A 416 -45.23 -20.17 16.90
C LYS A 416 -43.78 -20.15 16.44
N GLU A 417 -42.91 -20.83 17.20
CA GLU A 417 -41.47 -20.92 16.90
C GLU A 417 -41.20 -21.58 15.56
N ARG A 418 -41.97 -22.62 15.25
CA ARG A 418 -41.81 -23.36 14.01
C ARG A 418 -42.03 -22.44 12.81
N ASP A 419 -43.10 -21.66 12.84
CA ASP A 419 -43.40 -20.72 11.76
C ASP A 419 -42.27 -19.73 11.67
N GLN A 420 -41.89 -19.19 12.82
CA GLN A 420 -40.76 -18.29 12.94
C GLN A 420 -39.60 -18.77 12.07
N LEU A 421 -39.03 -19.93 12.42
CA LEU A 421 -37.85 -20.47 11.75
C LEU A 421 -38.12 -20.78 10.29
N GLN A 422 -39.27 -21.38 10.03
CA GLN A 422 -39.66 -21.76 8.67
C GLN A 422 -39.87 -20.56 7.76
N GLY A 423 -40.36 -19.46 8.34
CA GLY A 423 -40.54 -18.20 7.61
C GLY A 423 -39.21 -17.63 7.14
N ILE A 424 -38.22 -17.67 8.03
CA ILE A 424 -36.87 -17.22 7.69
C ILE A 424 -36.25 -18.16 6.66
N LEU A 425 -36.50 -19.46 6.84
CA LEU A 425 -35.97 -20.49 5.95
C LEU A 425 -36.68 -20.55 4.60
N ALA A 426 -37.79 -19.83 4.45
CA ALA A 426 -38.51 -19.81 3.19
C ALA A 426 -38.32 -18.51 2.42
N SER A 427 -37.66 -17.54 3.05
CA SER A 427 -37.48 -16.20 2.47
C SER A 427 -36.03 -15.83 2.25
N GLU A 428 -35.65 -15.59 1.01
CA GLU A 428 -34.32 -15.06 0.71
C GLU A 428 -34.15 -13.66 1.29
N ARG A 429 -35.25 -12.91 1.38
CA ARG A 429 -35.22 -11.57 1.96
C ARG A 429 -35.09 -11.57 3.49
N LYS A 430 -35.90 -12.38 4.18
CA LYS A 430 -35.85 -12.45 5.64
C LYS A 430 -34.53 -12.99 6.13
N MET A 431 -33.99 -13.96 5.38
CA MET A 431 -32.70 -14.55 5.69
C MET A 431 -31.60 -13.50 5.55
N ASN A 432 -31.73 -12.64 4.55
CA ASN A 432 -30.74 -11.59 4.30
C ASN A 432 -30.73 -10.55 5.41
N ASN A 433 -31.92 -10.18 5.87
CA ASN A 433 -32.04 -9.26 7.00
C ASN A 433 -31.33 -9.84 8.22
N LEU A 434 -31.47 -11.16 8.41
CA LEU A 434 -30.89 -11.85 9.53
C LEU A 434 -29.37 -11.77 9.50
N LEU A 435 -28.78 -12.08 8.36
CA LEU A 435 -27.32 -12.15 8.22
C LEU A 435 -26.68 -10.77 8.41
N LYS A 436 -27.27 -9.74 7.80
CA LYS A 436 -26.79 -8.37 7.96
C LYS A 436 -26.67 -8.05 9.44
N LYS A 437 -27.77 -8.27 10.16
CA LYS A 437 -27.89 -7.91 11.56
C LYS A 437 -26.81 -8.58 12.42
N GLU A 438 -26.52 -9.85 12.13
CA GLU A 438 -25.44 -10.58 12.79
C GLU A 438 -24.08 -10.01 12.40
N LEU A 439 -23.85 -9.88 11.09
CA LEU A 439 -22.63 -9.26 10.57
C LEU A 439 -22.40 -7.88 11.18
N GLN A 440 -23.44 -7.05 11.21
CA GLN A 440 -23.35 -5.72 11.81
C GLN A 440 -22.97 -5.78 13.29
N ALA A 441 -23.63 -6.64 14.04
CA ALA A 441 -23.40 -6.74 15.47
C ALA A 441 -22.01 -7.26 15.75
N ASP A 442 -21.59 -8.28 15.01
CA ASP A 442 -20.24 -8.86 15.14
C ASP A 442 -19.17 -7.83 14.81
N ALA A 443 -19.42 -7.02 13.78
CA ALA A 443 -18.50 -5.96 13.39
C ALA A 443 -18.30 -4.98 14.54
N GLN A 444 -19.40 -4.58 15.16
CA GLN A 444 -19.35 -3.63 16.27
C GLN A 444 -18.73 -4.27 17.52
N ALA A 445 -18.95 -5.57 17.67
CA ALA A 445 -18.53 -6.30 18.88
C ALA A 445 -17.07 -6.73 18.88
N TYR A 446 -16.60 -7.20 17.75
CA TYR A 446 -15.28 -7.82 17.64
C TYR A 446 -14.34 -6.95 16.82
N GLY A 447 -14.83 -5.83 16.33
CA GLY A 447 -14.07 -4.97 15.43
C GLY A 447 -13.14 -3.99 16.11
N ASP A 448 -12.37 -3.29 15.29
CA ASP A 448 -11.37 -2.32 15.76
C ASP A 448 -10.97 -1.40 14.62
N ASP A 449 -10.33 -0.28 14.95
CA ASP A 449 -9.91 0.70 13.94
C ASP A 449 -8.77 0.18 13.07
N ARG A 450 -8.54 0.85 11.94
CA ARG A 450 -7.40 0.53 11.07
C ARG A 450 -6.06 0.81 11.76
N ARG A 451 -5.04 0.02 11.46
CA ARG A 451 -3.70 0.21 12.03
C ARG A 451 -2.70 0.72 10.99
N SER A 452 -2.64 0.05 9.85
CA SER A 452 -1.73 0.43 8.79
C SER A 452 -2.42 1.37 7.83
N PRO A 453 -2.07 2.66 7.89
CA PRO A 453 -2.74 3.59 7.01
C PRO A 453 -2.14 3.54 5.62
N LEU A 454 -2.96 3.84 4.62
CA LEU A 454 -2.49 3.97 3.26
C LEU A 454 -2.00 5.38 3.00
N GLN A 455 -0.69 5.50 2.79
CA GLN A 455 -0.07 6.79 2.51
C GLN A 455 0.96 6.58 1.41
N GLU A 456 0.65 7.06 0.22
CA GLU A 456 1.56 7.01 -0.92
C GLU A 456 2.72 7.94 -0.59
N ARG A 457 3.94 7.53 -0.93
CA ARG A 457 5.12 8.34 -0.60
C ARG A 457 6.14 8.37 -1.73
N GLU A 458 6.95 9.44 -1.76
CA GLU A 458 8.04 9.64 -2.73
C GLU A 458 8.89 8.39 -2.82
N GLU A 459 8.85 7.72 -3.97
CA GLU A 459 9.53 6.43 -4.11
C GLU A 459 11.00 6.52 -3.73
N ALA A 460 11.44 5.60 -2.89
CA ALA A 460 12.80 5.55 -2.41
C ALA A 460 13.78 5.34 -3.56
N LYS A 461 14.88 6.08 -3.52
CA LYS A 461 15.96 5.91 -4.49
C LYS A 461 17.32 5.99 -3.82
N ALA A 462 18.17 5.01 -4.14
CA ALA A 462 19.53 4.99 -3.64
C ALA A 462 20.37 6.09 -4.30
N MET A 463 21.40 6.54 -3.61
CA MET A 463 22.33 7.52 -4.15
C MET A 463 23.66 6.89 -4.53
N SER A 464 24.46 7.61 -5.32
CA SER A 464 25.80 7.16 -5.65
C SER A 464 26.78 7.69 -4.60
N GLU A 465 27.94 7.03 -4.49
CA GLU A 465 29.00 7.48 -3.59
C GLU A 465 29.40 8.92 -3.91
N HIS A 466 28.89 9.45 -5.02
CA HIS A 466 29.13 10.83 -5.41
C HIS A 466 28.28 11.81 -4.61
N ASP A 467 26.96 11.63 -4.61
CA ASP A 467 26.06 12.56 -3.90
C ASP A 467 25.89 12.28 -2.40
N MET A 468 26.92 11.68 -1.80
CA MET A 468 27.01 11.53 -0.35
C MET A 468 27.97 12.57 0.22
N LEU A 469 28.77 13.15 -0.67
CA LEU A 469 29.79 14.13 -0.31
C LEU A 469 29.18 15.44 0.21
N PRO A 470 29.89 16.12 1.15
CA PRO A 470 29.47 17.29 1.93
C PRO A 470 28.20 18.05 1.49
N SER A 471 28.28 18.83 0.41
CA SER A 471 27.15 19.63 -0.10
C SER A 471 26.69 20.76 0.84
N GLU A 472 27.27 21.94 0.66
CA GLU A 472 26.85 23.12 1.44
C GLU A 472 26.94 24.41 0.61
N PRO A 473 25.90 25.29 0.71
CA PRO A 473 25.69 26.53 -0.06
C PRO A 473 26.95 27.26 -0.49
N VAL A 474 27.04 27.58 -1.78
CA VAL A 474 28.21 28.25 -2.34
C VAL A 474 27.82 29.16 -3.51
N THR A 475 28.47 30.33 -3.57
CA THR A 475 28.30 31.27 -4.67
C THR A 475 29.58 31.25 -5.53
N ILE A 476 29.42 30.92 -6.80
CA ILE A 476 30.58 30.84 -7.71
C ILE A 476 30.72 32.13 -8.53
N VAL A 477 31.94 32.66 -8.55
CA VAL A 477 32.22 33.94 -9.22
C VAL A 477 33.32 33.81 -10.28
N LEU A 478 32.95 34.14 -11.52
CA LEU A 478 33.91 34.33 -12.61
C LEU A 478 33.92 35.80 -13.00
N SER A 479 35.10 36.41 -12.96
CA SER A 479 35.23 37.81 -13.32
C SER A 479 35.91 38.02 -14.67
N GLN A 480 35.73 39.23 -15.21
CA GLN A 480 36.29 39.66 -16.49
C GLN A 480 37.74 39.25 -16.73
N MET A 481 38.54 39.28 -15.66
CA MET A 481 39.97 39.00 -15.73
C MET A 481 40.30 37.59 -16.22
N GLY A 482 39.31 36.71 -16.22
CA GLY A 482 39.48 35.33 -16.68
C GLY A 482 39.89 34.40 -15.56
N TRP A 483 39.49 34.74 -14.34
CA TRP A 483 39.84 33.98 -13.15
C TRP A 483 38.58 33.46 -12.45
N VAL A 484 38.70 32.28 -11.85
CA VAL A 484 37.59 31.66 -11.12
C VAL A 484 37.82 31.73 -9.62
N ARG A 485 36.79 32.17 -8.89
CA ARG A 485 36.86 32.29 -7.44
C ARG A 485 35.60 31.74 -6.77
N SER A 486 35.70 30.51 -6.27
CA SER A 486 34.60 29.84 -5.56
C SER A 486 34.51 30.37 -4.13
N ALA A 487 33.42 31.08 -3.84
CA ALA A 487 33.25 31.73 -2.52
C ALA A 487 32.46 30.86 -1.54
N LYS A 488 31.59 31.49 -0.75
CA LYS A 488 30.80 30.79 0.28
C LYS A 488 29.37 31.31 0.31
N GLY A 489 28.49 30.58 1.00
CA GLY A 489 27.10 30.98 1.19
C GLY A 489 26.27 30.98 -0.09
N PHE A 505 33.88 42.10 -10.28
CA PHE A 505 32.62 41.38 -10.43
C PHE A 505 32.23 41.25 -11.92
N LYS A 506 31.74 40.07 -12.30
CA LYS A 506 31.23 39.83 -13.66
C LYS A 506 30.07 38.84 -13.68
N ALA A 507 30.22 37.71 -12.99
CA ALA A 507 29.18 36.67 -12.96
C ALA A 507 29.04 35.95 -11.60
N ALA A 508 27.80 35.73 -11.19
CA ALA A 508 27.49 35.05 -9.93
C ALA A 508 26.36 34.03 -10.12
N VAL A 509 26.57 32.82 -9.63
CA VAL A 509 25.57 31.76 -9.74
C VAL A 509 25.26 31.10 -8.39
N LYS A 510 24.12 30.41 -8.33
CA LYS A 510 23.62 29.80 -7.09
C LYS A 510 23.83 28.28 -7.02
N GLY A 511 23.61 27.70 -5.84
CA GLY A 511 23.54 26.25 -5.69
C GLY A 511 24.39 25.62 -4.58
N LYS A 512 24.36 24.29 -4.54
CA LYS A 512 25.14 23.48 -3.60
C LYS A 512 26.59 23.29 -4.08
N SER A 513 27.41 22.60 -3.29
CA SER A 513 28.83 22.42 -3.61
C SER A 513 29.18 21.14 -4.37
N ASN A 514 28.26 20.16 -4.36
CA ASN A 514 28.49 18.90 -5.08
C ASN A 514 28.08 18.97 -6.55
N GLN A 515 27.10 19.82 -6.86
CA GLN A 515 26.68 20.06 -8.23
C GLN A 515 27.73 20.89 -8.97
N PRO A 516 27.96 20.60 -10.27
CA PRO A 516 29.05 21.25 -10.99
C PRO A 516 28.71 22.67 -11.44
N VAL A 517 29.72 23.39 -11.94
CA VAL A 517 29.56 24.72 -12.50
C VAL A 517 29.97 24.69 -13.97
N VAL A 518 29.09 25.14 -14.85
CA VAL A 518 29.36 25.12 -16.28
C VAL A 518 29.78 26.48 -16.81
N PHE A 519 30.71 26.46 -17.75
CA PHE A 519 31.14 27.64 -18.50
C PHE A 519 31.01 27.30 -19.99
N VAL A 520 30.75 28.31 -20.82
CA VAL A 520 30.67 28.12 -22.26
C VAL A 520 31.58 29.10 -22.99
N ASP A 521 32.44 28.58 -23.86
CA ASP A 521 33.44 29.41 -24.54
C ASP A 521 32.91 30.07 -25.81
N SER A 522 33.73 30.94 -26.39
CA SER A 522 33.38 31.69 -27.59
C SER A 522 33.38 30.84 -28.86
N THR A 523 33.65 29.54 -28.74
CA THR A 523 33.60 28.66 -29.91
C THR A 523 32.36 27.73 -29.89
N GLY A 524 31.73 27.61 -28.72
CA GLY A 524 30.53 26.80 -28.58
C GLY A 524 30.76 25.49 -27.85
N ARG A 525 31.67 25.50 -26.87
CA ARG A 525 31.97 24.32 -26.07
C ARG A 525 31.60 24.55 -24.62
N SER A 526 31.03 23.52 -23.99
CA SER A 526 30.66 23.58 -22.57
C SER A 526 31.67 22.84 -21.70
N TYR A 527 31.82 23.29 -20.46
CA TYR A 527 32.81 22.75 -19.53
C TYR A 527 32.24 22.58 -18.12
N ALA A 528 32.61 21.48 -17.47
CA ALA A 528 32.24 21.23 -16.08
C ALA A 528 33.46 21.24 -15.16
N ILE A 529 33.34 21.96 -14.05
CA ILE A 529 34.38 21.99 -13.02
C ILE A 529 33.71 21.76 -11.65
N ASP A 530 34.43 21.08 -10.75
CA ASP A 530 33.93 20.88 -9.39
C ASP A 530 34.38 22.00 -8.46
N PRO A 531 33.42 22.63 -7.74
CA PRO A 531 33.66 23.74 -6.82
C PRO A 531 34.58 23.37 -5.65
N ILE A 532 34.86 22.08 -5.49
CA ILE A 532 35.75 21.59 -4.45
C ILE A 532 37.22 21.82 -4.85
N THR A 533 37.48 21.91 -6.15
CA THR A 533 38.83 22.10 -6.68
C THR A 533 39.29 23.57 -6.68
N LEU A 534 38.33 24.50 -6.68
CA LEU A 534 38.63 25.94 -6.73
C LEU A 534 38.90 26.53 -5.34
N PRO A 535 39.91 27.41 -5.23
CA PRO A 535 40.23 28.10 -3.96
C PRO A 535 39.17 29.11 -3.54
N SER A 536 39.30 29.63 -2.32
CA SER A 536 38.30 30.49 -1.70
C SER A 536 38.24 31.92 -2.28
N ALA A 537 37.66 32.84 -1.51
CA ALA A 537 37.50 34.23 -1.93
C ALA A 537 38.77 35.08 -1.79
N ARG A 538 39.89 34.43 -1.45
CA ARG A 538 41.18 35.10 -1.32
C ARG A 538 42.13 34.74 -2.47
N GLU A 542 42.49 31.82 -8.70
CA GLU A 542 43.00 30.90 -9.72
C GLU A 542 42.50 31.26 -11.11
N PRO A 543 43.42 31.35 -12.10
CA PRO A 543 43.04 31.58 -13.49
C PRO A 543 42.25 30.42 -14.10
N LEU A 544 41.29 30.75 -14.96
CA LEU A 544 40.43 29.76 -15.59
C LEU A 544 41.12 29.03 -16.74
N THR A 545 41.99 29.74 -17.47
CA THR A 545 42.79 29.16 -18.54
C THR A 545 43.68 28.03 -18.00
N GLY A 546 44.12 28.19 -16.75
CA GLY A 546 44.85 27.15 -16.03
C GLY A 546 43.91 26.22 -15.28
N LYS A 547 42.84 25.81 -15.97
CA LYS A 547 41.86 24.83 -15.47
C LYS A 547 41.21 24.12 -16.65
N LEU A 548 41.13 24.80 -17.78
CA LEU A 548 40.47 24.28 -18.99
C LEU A 548 41.34 24.34 -20.23
N THR A 549 41.25 23.29 -21.05
CA THR A 549 41.94 23.25 -22.34
C THR A 549 41.05 23.94 -23.38
N LEU A 550 41.49 25.13 -23.81
CA LEU A 550 40.69 25.98 -24.71
C LEU A 550 41.29 26.05 -26.13
N PRO A 551 40.40 26.14 -27.15
CA PRO A 551 40.85 26.41 -28.52
C PRO A 551 41.63 27.73 -28.61
N PRO A 552 42.65 27.80 -29.50
CA PRO A 552 43.51 28.98 -29.65
C PRO A 552 42.75 30.32 -29.73
N GLY A 553 42.94 31.16 -28.71
CA GLY A 553 42.35 32.49 -28.66
C GLY A 553 40.99 32.59 -28.01
N ALA A 554 40.28 31.47 -27.91
CA ALA A 554 38.89 31.42 -27.42
C ALA A 554 38.73 31.98 -26.01
N THR A 555 37.74 32.85 -25.84
CA THR A 555 37.42 33.45 -24.56
C THR A 555 36.27 32.71 -23.89
N VAL A 556 36.25 32.71 -22.57
CA VAL A 556 35.17 32.07 -21.81
C VAL A 556 34.09 33.10 -21.55
N ASP A 557 32.94 32.94 -22.21
CA ASP A 557 31.91 33.98 -22.20
C ASP A 557 30.90 33.87 -21.06
N HIS A 558 30.23 32.72 -20.95
CA HIS A 558 29.13 32.57 -20.01
C HIS A 558 29.40 31.50 -18.95
N MET A 559 28.67 31.60 -17.83
CA MET A 559 28.75 30.61 -16.77
C MET A 559 27.35 30.27 -16.28
N LEU A 560 27.11 28.98 -16.07
CA LEU A 560 25.81 28.49 -15.60
C LEU A 560 25.95 27.51 -14.46
N MET A 561 24.94 27.49 -13.60
CA MET A 561 24.87 26.53 -12.50
C MET A 561 23.42 26.35 -12.07
N GLU A 562 22.78 25.33 -12.63
CA GLU A 562 21.39 25.01 -12.29
C GLU A 562 21.24 23.51 -12.04
N SER A 563 20.02 23.10 -11.68
CA SER A 563 19.69 21.68 -11.49
C SER A 563 20.11 20.85 -12.70
N ASP A 564 20.47 19.59 -12.48
CA ASP A 564 20.93 18.73 -13.56
C ASP A 564 19.92 18.62 -14.70
N ASP A 565 18.65 18.47 -14.35
CA ASP A 565 17.59 18.24 -15.33
C ASP A 565 16.90 19.53 -15.81
N GLN A 566 17.37 20.68 -15.33
CA GLN A 566 16.81 21.98 -15.69
C GLN A 566 16.78 22.21 -17.20
N LYS A 567 15.65 22.70 -17.70
CA LYS A 567 15.51 23.05 -19.11
C LYS A 567 16.27 24.35 -19.44
N LEU A 568 16.92 24.36 -20.60
CA LEU A 568 17.69 25.51 -21.06
C LEU A 568 17.46 25.83 -22.54
N LEU A 569 17.67 27.10 -22.89
CA LEU A 569 17.67 27.53 -24.28
C LEU A 569 19.07 27.96 -24.68
N MET A 570 19.69 27.17 -25.55
CA MET A 570 20.96 27.51 -26.16
C MET A 570 20.72 28.10 -27.54
N ALA A 571 21.49 29.13 -27.87
CA ALA A 571 21.37 29.78 -29.18
C ALA A 571 22.63 30.53 -29.60
N SER A 572 22.68 30.93 -30.87
CA SER A 572 23.77 31.72 -31.42
C SER A 572 23.22 33.00 -32.02
N ASP A 573 24.03 34.06 -32.02
CA ASP A 573 23.63 35.34 -32.63
C ASP A 573 23.47 35.26 -34.16
N ALA A 574 23.59 34.06 -34.71
CA ALA A 574 23.34 33.83 -36.13
C ALA A 574 21.84 33.58 -36.38
N GLY A 575 21.11 33.32 -35.30
CA GLY A 575 19.66 33.15 -35.36
C GLY A 575 19.19 31.72 -35.21
N TYR A 576 20.12 30.81 -34.92
CA TYR A 576 19.79 29.40 -34.73
C TYR A 576 20.00 29.01 -33.27
N GLY A 577 19.26 28.00 -32.83
CA GLY A 577 19.36 27.50 -31.46
C GLY A 577 18.55 26.25 -31.21
N PHE A 578 18.52 25.82 -29.95
CA PHE A 578 17.78 24.61 -29.56
C PHE A 578 17.53 24.54 -28.05
N VAL A 579 16.54 23.74 -27.66
CA VAL A 579 16.25 23.47 -26.26
C VAL A 579 17.02 22.22 -25.84
N CYS A 580 17.59 22.27 -24.64
CA CYS A 580 18.31 21.13 -24.06
C CYS A 580 18.28 21.17 -22.53
N THR A 581 18.64 20.05 -21.91
CA THR A 581 18.75 19.98 -20.46
C THR A 581 20.18 20.32 -20.02
N PHE A 582 20.30 20.94 -18.83
CA PHE A 582 21.60 21.31 -18.25
C PHE A 582 22.65 20.20 -18.33
N ASN A 583 22.20 18.96 -18.17
CA ASN A 583 23.04 17.77 -18.31
C ASN A 583 23.80 17.74 -19.65
N ASP A 584 23.12 18.16 -20.71
CA ASP A 584 23.71 18.19 -22.05
C ASP A 584 24.83 19.23 -22.18
N LEU A 585 25.09 19.94 -21.08
CA LEU A 585 26.21 20.88 -21.02
C LEU A 585 27.32 20.35 -20.15
N VAL A 586 27.01 19.31 -19.35
CA VAL A 586 27.98 18.75 -18.43
C VAL A 586 29.03 17.90 -19.16
N ALA A 587 30.18 18.50 -19.39
CA ALA A 587 31.34 17.82 -19.95
C ALA A 587 32.48 17.98 -18.94
N ARG A 588 32.85 16.88 -18.31
CA ARG A 588 33.83 16.93 -17.21
C ARG A 588 35.27 16.89 -17.68
N ASN A 589 35.52 16.12 -18.75
CA ASN A 589 36.85 16.07 -19.37
C ASN A 589 37.37 17.46 -19.74
N ARG A 590 38.68 17.64 -19.63
CA ARG A 590 39.32 18.95 -19.75
C ARG A 590 39.15 19.63 -21.11
N ALA A 591 39.07 18.84 -22.17
CA ALA A 591 38.92 19.35 -23.54
C ALA A 591 37.63 20.15 -23.74
N GLY A 592 36.51 19.63 -23.22
CA GLY A 592 35.20 20.25 -23.39
C GLY A 592 34.26 19.42 -24.25
N LYS A 593 33.10 20.01 -24.59
CA LYS A 593 32.12 19.36 -25.47
C LYS A 593 31.68 20.30 -26.59
N ALA A 594 31.72 19.80 -27.82
CA ALA A 594 31.21 20.55 -28.97
C ALA A 594 29.70 20.63 -28.89
N LEU A 595 29.20 21.70 -28.26
CA LEU A 595 27.76 21.87 -28.02
C LEU A 595 27.06 22.56 -29.19
N ILE A 596 27.16 23.88 -29.26
CA ILE A 596 26.52 24.64 -30.32
C ILE A 596 27.53 25.08 -31.38
N THR A 597 27.19 24.83 -32.64
CA THR A 597 28.05 25.17 -33.77
C THR A 597 27.78 26.60 -34.25
N LEU A 598 28.85 27.39 -34.31
CA LEU A 598 28.73 28.80 -34.66
C LEU A 598 29.05 29.05 -36.12
N PRO A 599 28.07 29.54 -36.89
CA PRO A 599 28.32 29.95 -38.28
C PRO A 599 29.44 30.99 -38.33
N GLU A 600 29.92 31.29 -39.53
CA GLU A 600 31.03 32.22 -39.70
C GLU A 600 30.82 33.52 -38.95
N ASN A 601 31.76 33.82 -38.05
CA ASN A 601 31.78 35.04 -37.23
C ASN A 601 30.54 35.24 -36.35
N ALA A 602 29.98 34.13 -35.86
CA ALA A 602 28.85 34.16 -34.96
C ALA A 602 29.30 33.98 -33.51
N HIS A 603 28.51 34.50 -32.57
CA HIS A 603 28.82 34.41 -31.15
C HIS A 603 27.70 33.70 -30.40
N VAL A 604 28.04 33.08 -29.27
CA VAL A 604 27.06 32.38 -28.44
C VAL A 604 26.21 33.36 -27.63
N MET A 605 24.89 33.18 -27.71
CA MET A 605 23.94 33.97 -26.91
C MET A 605 24.00 33.58 -25.43
N PRO A 606 23.76 34.55 -24.53
CA PRO A 606 23.52 34.25 -23.12
C PRO A 606 22.35 33.27 -22.98
N PRO A 607 22.66 32.05 -22.52
CA PRO A 607 21.69 30.94 -22.46
C PRO A 607 20.46 31.32 -21.64
N VAL A 608 19.30 30.83 -22.05
CA VAL A 608 18.06 31.15 -21.35
C VAL A 608 17.55 29.98 -20.50
N VAL A 609 17.38 30.22 -19.20
CA VAL A 609 16.84 29.21 -18.29
C VAL A 609 15.31 29.13 -18.43
N ILE A 610 14.84 28.10 -19.13
CA ILE A 610 13.39 27.87 -19.29
C ILE A 610 12.81 27.41 -17.97
N GLU A 611 11.91 28.21 -17.40
CA GLU A 611 11.33 27.95 -16.09
C GLU A 611 9.89 27.44 -16.14
N ASP A 612 9.39 27.18 -17.35
CA ASP A 612 8.03 26.66 -17.56
C ASP A 612 7.82 26.42 -19.05
N ALA A 613 7.49 25.18 -19.41
CA ALA A 613 7.28 24.81 -20.82
C ALA A 613 6.25 25.67 -21.55
N SER A 614 5.40 26.37 -20.78
CA SER A 614 4.33 27.19 -21.32
C SER A 614 4.78 28.62 -21.67
N ASP A 615 5.99 28.97 -21.25
CA ASP A 615 6.51 30.33 -21.47
C ASP A 615 6.74 30.65 -22.96
N MET A 616 6.88 31.94 -23.25
CA MET A 616 7.10 32.40 -24.62
C MET A 616 8.57 32.73 -24.87
N LEU A 617 9.01 32.51 -26.11
CA LEU A 617 10.35 32.88 -26.57
C LEU A 617 10.27 34.22 -27.29
N LEU A 618 11.19 35.12 -26.94
CA LEU A 618 11.24 36.41 -27.59
C LEU A 618 12.58 36.64 -28.29
N ALA A 619 12.50 36.92 -29.59
CA ALA A 619 13.68 37.18 -30.41
C ALA A 619 13.69 38.63 -30.88
N ILE A 620 14.79 39.33 -30.62
CA ILE A 620 14.97 40.70 -31.13
C ILE A 620 16.26 40.81 -31.96
N THR A 621 16.11 41.36 -33.17
CA THR A 621 17.22 41.42 -34.12
C THR A 621 17.92 42.78 -34.10
N GLN A 622 19.18 42.80 -34.52
CA GLN A 622 20.00 44.01 -34.52
C GLN A 622 19.39 45.16 -35.33
N ALA A 623 18.53 44.81 -36.28
CA ALA A 623 17.83 45.79 -37.10
C ALA A 623 16.55 46.29 -36.41
N GLY A 624 16.01 45.49 -35.49
CA GLY A 624 14.83 45.88 -34.73
C GLY A 624 13.58 45.07 -35.05
N ARG A 625 13.76 43.83 -35.48
CA ARG A 625 12.63 42.96 -35.75
C ARG A 625 12.39 42.04 -34.55
N MET A 626 11.10 41.83 -34.25
CA MET A 626 10.70 41.00 -33.14
C MET A 626 9.87 39.84 -33.61
N LEU A 627 10.08 38.68 -32.99
CA LEU A 627 9.25 37.51 -33.18
C LEU A 627 8.97 36.85 -31.83
N MET A 628 7.78 36.26 -31.70
CA MET A 628 7.42 35.54 -30.48
C MET A 628 6.66 34.26 -30.80
N PHE A 629 7.03 33.19 -30.10
CA PHE A 629 6.31 31.93 -30.17
C PHE A 629 6.51 31.15 -28.86
N PRO A 630 5.57 30.25 -28.51
CA PRO A 630 5.74 29.44 -27.30
C PRO A 630 7.02 28.60 -27.38
N VAL A 631 7.81 28.60 -26.31
CA VAL A 631 9.11 27.91 -26.31
C VAL A 631 8.96 26.41 -26.58
N SER A 632 7.86 25.82 -26.15
CA SER A 632 7.49 24.46 -26.54
C SER A 632 6.99 24.49 -27.99
N ASP A 633 7.92 24.79 -28.90
CA ASP A 633 7.65 24.94 -30.32
C ASP A 633 8.99 24.98 -31.06
N LEU A 634 10.06 25.15 -30.30
CA LEU A 634 11.42 24.97 -30.83
C LEU A 634 11.94 23.60 -30.41
N PRO A 635 12.29 22.75 -31.40
CA PRO A 635 12.77 21.38 -31.19
C PRO A 635 13.85 21.24 -30.13
N GLN A 636 13.78 20.13 -29.39
CA GLN A 636 14.75 19.80 -28.36
C GLN A 636 15.86 18.94 -28.94
N LEU A 637 17.09 19.44 -28.82
CA LEU A 637 18.26 18.71 -29.25
C LEU A 637 19.22 18.55 -28.08
N SER A 638 20.47 18.17 -28.38
CA SER A 638 21.51 17.92 -27.39
C SER A 638 22.80 18.61 -27.81
N LYS A 639 22.99 18.73 -29.13
CA LYS A 639 24.13 19.48 -29.71
C LYS A 639 23.86 19.84 -31.17
N GLY A 640 24.75 20.67 -31.73
CA GLY A 640 24.66 21.05 -33.15
C GLY A 640 24.34 22.51 -33.38
N LYS A 641 24.11 22.84 -34.66
CA LYS A 641 23.76 24.21 -35.06
C LYS A 641 22.39 24.60 -34.54
N GLY A 642 21.51 23.61 -34.38
CA GLY A 642 20.13 23.86 -33.99
C GLY A 642 19.29 24.28 -35.18
N ASN A 643 18.02 24.57 -34.92
CA ASN A 643 17.11 25.02 -35.97
C ASN A 643 16.94 26.54 -35.91
N LYS A 644 16.36 27.10 -36.98
CA LYS A 644 16.06 28.52 -37.03
C LYS A 644 15.14 28.94 -35.91
N ILE A 645 15.36 30.14 -35.40
CA ILE A 645 14.48 30.78 -34.43
C ILE A 645 13.89 32.01 -35.08
N ILE A 646 14.75 32.80 -35.71
CA ILE A 646 14.36 34.00 -36.46
C ILE A 646 15.27 34.17 -37.67
N ASN A 647 14.67 34.39 -38.84
CA ASN A 647 15.41 34.46 -40.10
C ASN A 647 16.27 35.71 -40.26
N ILE A 648 17.58 35.48 -40.38
CA ILE A 648 18.57 36.52 -40.71
C ILE A 648 19.56 35.89 -41.70
N PRO A 649 19.66 36.47 -42.91
CA PRO A 649 20.57 35.96 -43.94
C PRO A 649 22.00 35.73 -43.44
N SER A 650 22.53 34.54 -43.74
CA SER A 650 23.87 34.11 -43.33
C SER A 650 24.95 35.15 -43.59
N ALA A 651 25.03 35.61 -44.84
CA ALA A 651 26.00 36.60 -45.29
C ALA A 651 25.97 37.89 -44.45
N GLU A 652 24.75 38.38 -44.17
CA GLU A 652 24.57 39.59 -43.39
C GLU A 652 24.95 39.43 -41.92
N ALA A 653 24.83 38.20 -41.40
CA ALA A 653 25.21 37.88 -40.03
C ALA A 653 26.72 37.91 -39.85
N ALA A 654 27.42 37.28 -40.78
CA ALA A 654 28.88 37.21 -40.77
C ALA A 654 29.52 38.60 -40.78
N ARG A 655 28.97 39.49 -41.60
CA ARG A 655 29.48 40.86 -41.72
C ARG A 655 29.05 41.74 -40.55
N GLY A 656 28.41 41.15 -39.55
CA GLY A 656 27.98 41.86 -38.34
C GLY A 656 26.93 42.93 -38.57
N GLU A 657 26.36 42.96 -39.77
CA GLU A 657 25.32 43.92 -40.14
C GLU A 657 24.08 43.65 -39.31
N ASP A 658 23.28 42.68 -39.75
CA ASP A 658 22.12 42.21 -39.00
C ASP A 658 22.56 41.05 -38.09
N GLY A 659 21.64 40.55 -37.25
CA GLY A 659 21.94 39.43 -36.36
C GLY A 659 21.13 39.47 -35.07
N LEU A 660 21.00 38.31 -34.43
CA LEU A 660 20.17 38.18 -33.23
C LEU A 660 20.80 38.86 -32.01
N ALA A 661 20.13 39.90 -31.51
CA ALA A 661 20.67 40.76 -30.45
C ALA A 661 20.11 40.45 -29.06
N GLN A 662 18.81 40.12 -28.98
CA GLN A 662 18.18 39.81 -27.70
C GLN A 662 17.35 38.54 -27.79
N LEU A 663 17.43 37.71 -26.75
CA LEU A 663 16.69 36.45 -26.72
C LEU A 663 16.21 36.11 -25.31
N TYR A 664 14.90 36.01 -25.15
CA TYR A 664 14.29 35.83 -23.84
C TYR A 664 13.21 34.75 -23.87
N VAL A 665 13.13 33.97 -22.79
CA VAL A 665 11.98 33.10 -22.55
C VAL A 665 11.32 33.62 -21.29
N LEU A 666 10.07 34.07 -21.43
CA LEU A 666 9.41 34.81 -20.36
C LEU A 666 7.97 34.35 -20.16
N PRO A 667 7.43 34.53 -18.93
CA PRO A 667 6.04 34.19 -18.62
C PRO A 667 5.04 34.76 -19.63
N PRO A 668 3.94 34.01 -19.90
CA PRO A 668 3.01 34.44 -20.93
C PRO A 668 2.10 35.57 -20.46
N GLN A 669 1.86 36.53 -21.36
CA GLN A 669 1.09 37.75 -21.08
C GLN A 669 1.69 38.61 -19.95
N SER A 670 2.95 39.02 -20.13
CA SER A 670 3.61 39.95 -19.23
C SER A 670 4.07 41.19 -20.01
N THR A 671 4.44 42.23 -19.27
CA THR A 671 4.81 43.53 -19.85
C THR A 671 6.31 43.79 -19.73
N LEU A 672 6.89 44.38 -20.78
CA LEU A 672 8.32 44.67 -20.83
C LEU A 672 8.62 46.16 -21.00
N THR A 673 9.69 46.62 -20.37
CA THR A 673 10.25 47.93 -20.65
C THR A 673 11.64 47.75 -21.24
N ILE A 674 11.76 48.08 -22.53
CA ILE A 674 13.01 47.92 -23.26
C ILE A 674 13.82 49.20 -23.20
N HIS A 675 15.02 49.11 -22.62
CA HIS A 675 15.89 50.27 -22.44
C HIS A 675 16.83 50.48 -23.63
N VAL A 676 16.73 51.65 -24.26
CA VAL A 676 17.62 52.07 -25.34
C VAL A 676 18.27 53.41 -24.95
N GLY A 677 19.28 53.34 -24.10
CA GLY A 677 19.88 54.55 -23.52
C GLY A 677 19.00 55.05 -22.40
N LYS A 678 18.62 56.33 -22.48
CA LYS A 678 17.70 56.93 -21.50
C LYS A 678 16.23 56.67 -21.84
N ARG A 679 15.97 56.22 -23.07
CA ARG A 679 14.64 55.89 -23.53
C ARG A 679 14.16 54.59 -22.89
N LYS A 680 12.89 54.57 -22.51
CA LYS A 680 12.26 53.37 -21.97
C LYS A 680 11.00 53.06 -22.77
N ILE A 681 11.18 52.35 -23.87
CA ILE A 681 10.06 51.91 -24.71
C ILE A 681 9.29 50.81 -24.00
N LYS A 682 8.00 51.06 -23.76
CA LYS A 682 7.16 50.09 -23.06
C LYS A 682 6.42 49.18 -24.03
N LEU A 683 6.39 47.89 -23.70
CA LEU A 683 5.69 46.89 -24.51
C LEU A 683 4.79 46.01 -23.67
N ARG A 684 3.48 46.19 -23.85
CA ARG A 684 2.48 45.41 -23.15
C ARG A 684 2.21 44.11 -23.91
N PRO A 685 1.46 43.16 -23.31
CA PRO A 685 1.06 41.94 -24.01
C PRO A 685 0.27 42.20 -25.29
N GLU A 686 -0.28 43.40 -25.43
CA GLU A 686 -1.12 43.78 -26.57
C GLU A 686 -0.29 44.10 -27.80
N GLU A 687 0.90 44.68 -27.59
CA GLU A 687 1.85 44.93 -28.67
C GLU A 687 2.65 43.67 -28.99
N LEU A 688 2.78 42.78 -28.01
CA LEU A 688 3.48 41.52 -28.20
C LEU A 688 2.65 40.48 -28.94
N GLN A 689 1.32 40.56 -28.79
CA GLN A 689 0.41 39.72 -29.58
C GLN A 689 0.52 40.06 -31.06
N LYS A 690 1.07 41.24 -31.35
CA LYS A 690 1.24 41.72 -32.70
C LYS A 690 2.53 41.24 -33.36
N VAL A 691 3.49 40.77 -32.55
CA VAL A 691 4.72 40.16 -33.08
C VAL A 691 4.76 38.64 -32.89
N THR A 692 3.62 38.06 -32.50
CA THR A 692 3.46 36.62 -32.36
C THR A 692 3.40 36.01 -33.74
N GLY A 693 4.23 35.00 -33.98
CA GLY A 693 4.27 34.34 -35.29
C GLY A 693 4.87 32.95 -35.32
N GLU A 694 4.98 32.41 -36.55
CA GLU A 694 5.61 31.11 -36.80
C GLU A 694 7.11 31.26 -36.65
N ARG A 695 7.74 30.22 -36.14
CA ARG A 695 9.18 30.23 -35.92
C ARG A 695 9.94 30.17 -37.25
N GLY A 696 11.06 30.87 -37.32
CA GLY A 696 11.90 30.88 -38.51
C GLY A 696 11.64 32.09 -39.38
N ARG A 697 10.51 32.77 -39.15
CA ARG A 697 10.19 34.02 -39.84
C ARG A 697 11.11 35.14 -39.36
N ARG A 698 11.32 36.14 -40.22
CA ARG A 698 12.19 37.26 -39.90
C ARG A 698 11.61 38.20 -38.84
N GLY A 699 10.33 38.04 -38.54
CA GLY A 699 9.66 38.81 -37.50
C GLY A 699 9.34 40.23 -37.92
N THR A 700 8.42 40.86 -37.19
CA THR A 700 7.93 42.21 -37.51
C THR A 700 8.91 43.27 -37.06
N LEU A 701 9.15 44.25 -37.93
CA LEU A 701 10.05 45.37 -37.63
C LEU A 701 9.40 46.38 -36.69
N MET A 702 10.19 46.85 -35.72
CA MET A 702 9.76 47.85 -34.74
C MET A 702 10.67 49.08 -34.84
N ARG A 703 10.04 50.26 -34.87
CA ARG A 703 10.74 51.52 -35.13
C ARG A 703 11.69 51.92 -34.00
N GLY A 704 12.94 52.22 -34.37
CA GLY A 704 13.97 52.66 -33.44
C GLY A 704 14.23 51.69 -32.30
N LEU A 705 14.38 50.41 -32.63
CA LEU A 705 14.64 49.38 -31.63
C LEU A 705 15.96 48.68 -31.93
N GLN A 706 17.05 49.44 -31.78
CA GLN A 706 18.40 48.95 -32.03
C GLN A 706 19.30 49.38 -30.90
N ARG A 707 20.42 48.66 -30.72
CA ARG A 707 21.39 48.92 -29.65
C ARG A 707 20.76 48.88 -28.25
N ILE A 708 19.85 47.92 -28.05
CA ILE A 708 19.14 47.75 -26.78
C ILE A 708 20.12 47.53 -25.62
N ASP A 709 19.98 48.37 -24.59
CA ASP A 709 20.89 48.34 -23.44
C ASP A 709 20.44 47.37 -22.35
N ARG A 710 19.14 47.08 -22.31
CA ARG A 710 18.56 46.24 -21.25
C ARG A 710 17.12 45.85 -21.58
N VAL A 711 16.65 44.75 -20.96
CA VAL A 711 15.26 44.33 -21.05
C VAL A 711 14.81 43.90 -19.66
N GLU A 712 13.87 44.64 -19.08
CA GLU A 712 13.31 44.30 -17.77
C GLU A 712 11.91 43.72 -17.93
N ILE A 713 11.50 42.88 -16.99
CA ILE A 713 10.15 42.26 -17.03
C ILE A 713 9.25 42.80 -15.92
N ASP A 714 8.21 43.51 -16.32
CA ASP A 714 7.18 43.97 -15.39
C ASP A 714 6.19 42.84 -15.13
#